data_4HPF
#
_entry.id   4HPF
#
_cell.length_a   124.540
_cell.length_b   157.940
_cell.length_c   249.010
_cell.angle_alpha   90.000
_cell.angle_beta   90.000
_cell.angle_gamma   90.000
#
_symmetry.space_group_name_H-M   'I 2 2 2'
#
_entity_poly.entity_id   1
_entity_poly.type   'polypeptide(L)'
_entity_poly.pdbx_seq_one_letter_code
;MGKKFIVVCGNITVDSVTAFLRNFLRDKSGEINTEIVFLGETPPSLELETIFKCYLAYTTFISGSAMKWEDLRRVAVESA
EACLIIANPLCSDSHAEDISNIMRVLSIKNYDSTTRIIIQILQSHNKVYLPKIPSWNWDTGDNIICFAELKLGFIAQGCL
VPGLCTFLTSLFVEQNKKVMPKQTWKKHFLNSMKNKILTQRLSDDFAGMSFPEVARLCFLKMHLLLIAIEYKSLFTDGFC
GLILNPPPQVRIRKNTLGFFIAETPKDVRRALFYCSVCHDDVFIPELITNCGCKSRSRQHITVPSVKRMKKCLKGISSRI
SGQDSPPRVSASTSSISNFTTRTLQHDVEQDSDQLDSSGMFHWCKPTSLDKVTLKRTGKSKYKFRNHIVACVFGDAHSAP
MGLRNFVMPLRASNYTRKELKDIVFIGSLDYLQREWRFLWNFPQIYILPGCALYSGDLHAANIEQCSMCAVLSPPPQPSS
NQTLVDTEAIMATLTIGSLQIDEKSNCRKVPILTELKNPSNIHFIEQLGGLEGSLQETNLHLSTAFSTGTVFSGSFLDSL
LATAFYNYHVLELLQMLVTGGVSSQLEQHLDKDKVYGVADSCTSLLSGRNRCKLGLLSLHETILSDVNPRNTFGQLFCGS
LDLFGILCVGLYRIIDEEELNPENKRFVITRPANEFKLLPSDLVFCAIPFSTACYKRNEEFSLQKSYEIVNKASNSLEVL
FQ
;
_entity_poly.pdbx_strand_id   A,B
#
# COMPACT_ATOMS: atom_id res chain seq x y z
N LYS A 3 48.29 14.99 -17.56
CA LYS A 3 49.23 14.99 -16.40
C LYS A 3 48.56 14.39 -15.17
N LYS A 4 47.41 14.95 -14.79
CA LYS A 4 46.67 14.49 -13.61
C LYS A 4 45.52 13.56 -13.98
N PHE A 5 45.33 12.50 -13.18
CA PHE A 5 44.33 11.47 -13.48
C PHE A 5 43.92 10.69 -12.24
N ILE A 6 42.76 10.05 -12.31
CA ILE A 6 42.28 9.19 -11.23
C ILE A 6 41.86 7.82 -11.76
N VAL A 7 42.02 6.80 -10.92
CA VAL A 7 41.71 5.42 -11.28
C VAL A 7 40.39 5.01 -10.61
N VAL A 8 39.63 4.13 -11.27
CA VAL A 8 38.36 3.64 -10.75
C VAL A 8 38.35 2.13 -10.68
N CYS A 9 37.73 1.59 -9.64
CA CYS A 9 37.96 0.20 -9.25
C CYS A 9 36.71 -0.57 -8.91
N GLY A 10 36.75 -1.87 -9.20
CA GLY A 10 35.80 -2.83 -8.64
C GLY A 10 34.38 -2.81 -9.19
N ASN A 11 34.23 -2.36 -10.43
CA ASN A 11 32.91 -2.38 -11.07
C ASN A 11 32.99 -2.30 -12.59
N ILE A 12 32.05 -2.99 -13.25
CA ILE A 12 31.78 -2.81 -14.67
C ILE A 12 30.26 -2.72 -14.81
N THR A 13 29.73 -1.56 -14.42
CA THR A 13 28.30 -1.28 -14.43
C THR A 13 28.07 -0.13 -15.38
N VAL A 14 27.42 -0.40 -16.52
CA VAL A 14 27.10 0.63 -17.51
C VAL A 14 26.51 1.86 -16.79
N ASP A 15 25.63 1.60 -15.83
CA ASP A 15 25.08 2.63 -14.95
C ASP A 15 26.22 3.39 -14.25
N SER A 16 27.08 2.68 -13.51
CA SER A 16 28.19 3.29 -12.74
C SER A 16 29.10 4.22 -13.55
N VAL A 17 29.39 3.83 -14.80
CA VAL A 17 30.21 4.63 -15.70
C VAL A 17 29.56 6.00 -15.93
N THR A 18 28.27 6.00 -16.20
CA THR A 18 27.49 7.24 -16.33
C THR A 18 27.13 7.78 -14.95
N ALA A 19 26.72 6.89 -14.05
CA ALA A 19 26.46 7.23 -12.65
C ALA A 19 27.67 7.94 -12.06
N PHE A 20 28.86 7.67 -12.60
CA PHE A 20 30.04 8.45 -12.27
C PHE A 20 30.33 9.54 -13.30
N LEU A 21 30.45 9.15 -14.58
CA LEU A 21 30.97 10.05 -15.61
C LEU A 21 30.09 11.29 -15.77
N ARG A 22 28.78 11.06 -15.77
CA ARG A 22 27.80 12.14 -15.79
C ARG A 22 27.83 12.91 -14.49
N ASN A 23 27.95 12.18 -13.38
CA ASN A 23 28.03 12.78 -12.06
C ASN A 23 29.37 13.48 -11.76
N PHE A 24 30.38 13.25 -12.62
CA PHE A 24 31.69 13.91 -12.49
C PHE A 24 31.73 15.18 -13.33
N ASN A 33 38.88 18.67 -17.09
CA ASN A 33 39.97 19.05 -16.20
C ASN A 33 40.90 17.86 -15.88
N THR A 34 40.36 16.88 -15.16
CA THR A 34 41.13 15.72 -14.66
C THR A 34 40.75 14.41 -15.39
N GLU A 35 41.77 13.71 -15.90
CA GLU A 35 41.57 12.49 -16.69
C GLU A 35 41.11 11.27 -15.86
N ILE A 36 40.29 10.42 -16.44
CA ILE A 36 39.79 9.20 -15.76
C ILE A 36 40.29 7.94 -16.45
N VAL A 37 40.51 6.89 -15.65
CA VAL A 37 40.97 5.60 -16.15
C VAL A 37 40.31 4.48 -15.35
N PHE A 38 39.77 3.47 -16.02
CA PHE A 38 39.03 2.40 -15.35
C PHE A 38 39.86 1.14 -15.16
N LEU A 39 39.32 0.19 -14.40
CA LEU A 39 39.94 -1.12 -14.19
C LEU A 39 38.93 -2.09 -13.61
N GLY A 40 38.81 -3.28 -14.23
CA GLY A 40 37.82 -4.26 -13.77
C GLY A 40 37.78 -5.57 -14.53
N GLU A 41 36.95 -6.48 -14.04
CA GLU A 41 36.88 -7.85 -14.55
C GLU A 41 36.32 -7.96 -15.96
N THR A 42 35.08 -7.51 -16.16
CA THR A 42 34.43 -7.61 -17.48
C THR A 42 35.15 -6.77 -18.54
N PRO A 43 35.16 -7.26 -19.79
CA PRO A 43 35.74 -6.56 -20.93
C PRO A 43 34.65 -5.94 -21.79
N THR A 50 33.82 -3.51 -24.97
CA THR A 50 33.98 -2.07 -25.13
C THR A 50 32.81 -1.45 -25.91
N ILE A 51 31.60 -1.63 -25.39
CA ILE A 51 30.37 -1.12 -26.01
C ILE A 51 30.20 0.40 -25.85
N PHE A 52 30.41 0.90 -24.63
CA PHE A 52 30.33 2.35 -24.35
C PHE A 52 31.55 3.09 -24.90
N LYS A 53 31.62 3.20 -26.23
CA LYS A 53 32.78 3.75 -26.93
C LYS A 53 32.61 5.23 -27.31
N CYS A 54 31.41 5.78 -27.10
CA CYS A 54 31.13 7.19 -27.36
C CYS A 54 31.81 8.08 -26.34
N TYR A 55 31.71 7.71 -25.07
CA TYR A 55 32.31 8.47 -23.97
C TYR A 55 33.82 8.27 -23.86
N LEU A 56 34.43 7.60 -24.84
CA LEU A 56 35.82 7.12 -24.77
C LEU A 56 36.92 8.05 -25.30
N ALA A 57 36.61 9.34 -25.46
CA ALA A 57 37.63 10.35 -25.73
C ALA A 57 38.10 11.01 -24.43
N TYR A 58 37.16 11.15 -23.49
CA TYR A 58 37.41 11.78 -22.18
C TYR A 58 37.85 10.79 -21.09
N THR A 59 38.11 9.54 -21.46
CA THR A 59 38.49 8.49 -20.50
C THR A 59 39.45 7.45 -21.09
N THR A 60 39.80 6.45 -20.29
CA THR A 60 40.49 5.24 -20.74
C THR A 60 39.92 4.04 -19.95
N PHE A 61 40.12 2.81 -20.44
CA PHE A 61 39.64 1.60 -19.75
C PHE A 61 40.72 0.52 -19.68
N ILE A 62 40.57 -0.42 -18.73
CA ILE A 62 41.45 -1.61 -18.65
C ILE A 62 40.65 -2.82 -18.19
N SER A 63 41.10 -4.01 -18.58
CA SER A 63 40.54 -5.26 -18.09
C SER A 63 41.60 -5.96 -17.25
N GLY A 64 41.53 -5.75 -15.94
CA GLY A 64 42.42 -6.42 -14.99
C GLY A 64 41.78 -6.56 -13.63
N SER A 65 42.59 -6.89 -12.64
CA SER A 65 42.15 -6.97 -11.24
C SER A 65 42.96 -6.01 -10.40
N ALA A 66 42.29 -5.37 -9.44
CA ALA A 66 42.95 -4.42 -8.55
C ALA A 66 43.88 -5.11 -7.56
N MET A 67 43.67 -6.40 -7.32
CA MET A 67 44.51 -7.17 -6.42
C MET A 67 45.89 -7.33 -7.01
N LYS A 68 45.94 -7.84 -8.24
CA LYS A 68 47.21 -8.17 -8.87
C LYS A 68 48.11 -6.96 -8.98
N TRP A 69 49.30 -7.08 -8.39
CA TRP A 69 50.30 -6.03 -8.35
C TRP A 69 50.73 -5.55 -9.72
N GLU A 70 50.89 -6.50 -10.65
CA GLU A 70 51.27 -6.18 -12.03
C GLU A 70 50.29 -5.23 -12.70
N ASP A 71 49.00 -5.48 -12.47
CA ASP A 71 47.92 -4.64 -13.03
C ASP A 71 47.87 -3.23 -12.44
N LEU A 72 48.29 -3.09 -11.18
CA LEU A 72 48.28 -1.76 -10.53
C LEU A 72 49.40 -0.88 -11.08
N ARG A 73 50.55 -1.48 -11.30
CA ARG A 73 51.65 -0.80 -11.97
C ARG A 73 51.27 -0.45 -13.41
N ARG A 74 50.56 -1.38 -14.05
CA ARG A 74 50.10 -1.21 -15.43
C ARG A 74 49.28 0.08 -15.61
N VAL A 75 48.49 0.43 -14.60
CA VAL A 75 47.68 1.64 -14.63
C VAL A 75 48.43 2.81 -14.00
N ALA A 76 49.48 2.52 -13.24
CA ALA A 76 50.37 3.53 -12.68
C ALA A 76 49.66 4.36 -11.62
N VAL A 77 49.12 3.68 -10.61
CA VAL A 77 48.41 4.34 -9.51
C VAL A 77 49.25 5.36 -8.73
N GLU A 78 50.56 5.10 -8.63
CA GLU A 78 51.48 5.97 -7.89
C GLU A 78 51.24 7.47 -8.15
N SER A 79 51.15 7.81 -9.43
CA SER A 79 51.01 9.20 -9.88
C SER A 79 49.55 9.63 -9.98
N ALA A 80 48.62 8.68 -9.80
CA ALA A 80 47.20 9.01 -9.84
C ALA A 80 46.86 9.90 -8.65
N GLU A 81 46.01 10.89 -8.90
CA GLU A 81 45.62 11.86 -7.88
C GLU A 81 44.86 11.18 -6.75
N ALA A 82 44.14 10.13 -7.09
CA ALA A 82 43.40 9.38 -6.11
C ALA A 82 42.81 8.17 -6.79
N CYS A 83 42.35 7.22 -5.99
CA CYS A 83 41.80 6.00 -6.52
C CYS A 83 40.50 5.61 -5.82
N LEU A 84 39.43 5.53 -6.60
CA LEU A 84 38.10 5.28 -6.07
C LEU A 84 37.77 3.81 -6.13
N ILE A 85 36.99 3.33 -5.18
CA ILE A 85 36.53 1.95 -5.17
C ILE A 85 35.01 1.94 -5.13
N ILE A 86 34.41 1.49 -6.23
CA ILE A 86 32.95 1.50 -6.39
C ILE A 86 32.37 0.13 -6.08
N ALA A 87 31.17 0.15 -5.50
CA ALA A 87 30.55 -1.06 -4.98
C ALA A 87 29.23 -1.38 -5.69
N ASN A 88 28.62 -2.49 -5.25
CA ASN A 88 27.22 -2.84 -5.53
C ASN A 88 26.88 -3.02 -7.00
N PRO A 89 27.30 -4.15 -7.56
CA PRO A 89 26.62 -4.65 -8.75
C PRO A 89 25.36 -5.39 -8.32
N LEU A 90 24.55 -4.74 -7.47
CA LEU A 90 23.48 -5.41 -6.70
C LEU A 90 23.94 -6.81 -6.26
N CYS A 91 25.05 -6.82 -5.52
CA CYS A 91 25.64 -8.05 -5.04
C CYS A 91 24.63 -8.92 -4.27
N SER A 92 24.86 -10.22 -4.29
CA SER A 92 24.06 -11.19 -3.54
C SER A 92 24.25 -10.98 -2.04
N ASP A 93 25.51 -10.96 -1.60
CA ASP A 93 25.85 -10.65 -0.21
C ASP A 93 26.47 -9.26 -0.17
N SER A 94 25.81 -8.35 0.53
CA SER A 94 26.35 -7.01 0.78
C SER A 94 27.62 -7.08 1.62
N HIS A 95 27.60 -7.93 2.65
CA HIS A 95 28.75 -8.12 3.54
C HIS A 95 29.97 -8.46 2.74
N ALA A 96 29.84 -9.48 1.89
CA ALA A 96 30.94 -9.97 1.07
C ALA A 96 31.54 -8.92 0.17
N GLU A 97 30.71 -8.02 -0.34
CA GLU A 97 31.18 -6.97 -1.24
C GLU A 97 32.17 -6.05 -0.53
N ASP A 98 31.84 -5.67 0.70
CA ASP A 98 32.71 -4.76 1.45
C ASP A 98 34.04 -5.44 1.79
N ILE A 99 33.95 -6.59 2.45
CA ILE A 99 35.11 -7.40 2.74
C ILE A 99 35.99 -7.45 1.51
N SER A 100 35.35 -7.77 0.39
CA SER A 100 36.03 -7.83 -0.89
C SER A 100 36.72 -6.50 -1.24
N ASN A 101 35.99 -5.40 -1.16
CA ASN A 101 36.56 -4.10 -1.48
C ASN A 101 37.63 -3.70 -0.48
N ILE A 102 37.40 -3.94 0.81
CA ILE A 102 38.41 -3.66 1.84
C ILE A 102 39.69 -4.43 1.54
N MET A 103 39.53 -5.56 0.87
CA MET A 103 40.68 -6.35 0.43
C MET A 103 41.46 -5.61 -0.63
N ARG A 104 40.77 -4.85 -1.49
CA ARG A 104 41.45 -4.08 -2.50
C ARG A 104 42.25 -2.97 -1.86
N VAL A 105 41.63 -2.26 -0.94
CA VAL A 105 42.33 -1.16 -0.26
C VAL A 105 43.69 -1.64 0.28
N LEU A 106 43.71 -2.85 0.85
CA LEU A 106 44.98 -3.44 1.28
C LEU A 106 45.91 -3.59 0.09
N SER A 107 45.44 -4.28 -0.94
CA SER A 107 46.25 -4.52 -2.13
C SER A 107 46.82 -3.23 -2.70
N ILE A 108 45.97 -2.21 -2.80
CA ILE A 108 46.36 -0.94 -3.42
C ILE A 108 47.36 -0.21 -2.57
N LYS A 109 47.08 -0.12 -1.27
CA LYS A 109 47.97 0.58 -0.35
C LYS A 109 49.35 -0.09 -0.31
N ASN A 110 49.34 -1.41 -0.35
CA ASN A 110 50.58 -2.19 -0.41
C ASN A 110 51.47 -1.75 -1.56
N TYR A 111 50.85 -1.39 -2.68
CA TYR A 111 51.59 -0.88 -3.84
C TYR A 111 52.24 0.48 -3.55
N ASP A 112 51.43 1.51 -3.32
CA ASP A 112 51.92 2.85 -3.01
C ASP A 112 51.09 3.40 -1.85
N SER A 113 51.60 3.19 -0.63
CA SER A 113 50.85 3.54 0.59
C SER A 113 50.48 5.02 0.73
N THR A 114 51.07 5.88 -0.09
CA THR A 114 50.71 7.30 -0.08
C THR A 114 49.53 7.64 -1.01
N THR A 115 49.03 6.65 -1.76
CA THR A 115 47.92 6.91 -2.69
C THR A 115 46.62 7.19 -1.94
N ARG A 116 45.89 8.18 -2.44
CA ARG A 116 44.65 8.60 -1.84
C ARG A 116 43.57 7.60 -2.25
N ILE A 117 42.75 7.18 -1.29
CA ILE A 117 41.72 6.19 -1.56
C ILE A 117 40.35 6.65 -1.13
N ILE A 118 39.36 6.40 -1.99
CA ILE A 118 37.97 6.73 -1.70
C ILE A 118 37.13 5.48 -1.90
N ILE A 119 36.80 4.78 -0.81
CA ILE A 119 36.07 3.51 -0.94
C ILE A 119 34.61 3.65 -0.57
N GLN A 120 33.74 3.07 -1.39
CA GLN A 120 32.33 2.99 -1.06
C GLN A 120 32.07 1.76 -0.19
N ILE A 121 31.57 1.98 1.01
CA ILE A 121 31.10 0.89 1.84
C ILE A 121 29.61 0.84 1.70
N LEU A 122 29.09 -0.39 1.58
CA LEU A 122 27.66 -0.62 1.40
C LEU A 122 26.95 -0.56 2.73
N GLN A 123 27.50 -1.23 3.74
CA GLN A 123 26.87 -1.21 5.07
C GLN A 123 27.78 -0.68 6.17
N SER A 124 27.30 0.35 6.86
CA SER A 124 28.14 1.22 7.69
C SER A 124 29.11 0.49 8.58
N HIS A 125 28.62 -0.46 9.38
CA HIS A 125 29.50 -1.06 10.38
C HIS A 125 30.78 -1.62 9.82
N ASN A 126 30.83 -1.87 8.51
CA ASN A 126 32.05 -2.28 7.84
C ASN A 126 33.07 -1.18 7.60
N LYS A 127 32.76 0.07 7.93
CA LYS A 127 33.75 1.14 7.80
C LYS A 127 34.87 0.94 8.79
N VAL A 128 34.50 0.45 9.97
CA VAL A 128 35.41 0.29 11.11
C VAL A 128 36.79 -0.23 10.72
N TYR A 129 36.83 -1.17 9.79
CA TYR A 129 38.06 -1.84 9.45
C TYR A 129 39.04 -0.92 8.77
N LEU A 130 38.54 0.01 7.97
CA LEU A 130 39.43 0.78 7.10
C LEU A 130 40.50 1.58 7.84
N PRO A 131 40.16 2.22 8.95
CA PRO A 131 41.17 2.86 9.78
C PRO A 131 42.19 1.89 10.35
N LYS A 132 41.75 0.68 10.70
CA LYS A 132 42.64 -0.32 11.31
C LYS A 132 43.77 -0.78 10.36
N ILE A 133 43.63 -0.50 9.07
CA ILE A 133 44.76 -0.61 8.17
C ILE A 133 45.76 0.44 8.58
N PRO A 134 47.03 0.05 8.77
CA PRO A 134 48.04 1.03 9.17
C PRO A 134 48.32 2.05 8.08
N SER A 135 48.46 1.55 6.85
CA SER A 135 48.85 2.34 5.71
C SER A 135 47.90 3.49 5.43
N TRP A 136 46.69 3.39 5.98
CA TRP A 136 45.61 4.34 5.74
C TRP A 136 45.66 5.44 6.74
N ASN A 137 45.58 6.68 6.26
CA ASN A 137 45.43 7.84 7.15
C ASN A 137 44.60 8.94 6.50
N TRP A 138 43.81 9.61 7.33
CA TRP A 138 42.83 10.57 6.86
C TRP A 138 43.46 11.80 6.29
N ASP A 139 44.61 12.15 6.84
CA ASP A 139 45.25 13.42 6.54
C ASP A 139 45.74 13.51 5.10
N THR A 140 46.25 12.41 4.56
CA THR A 140 46.66 12.37 3.15
C THR A 140 45.46 12.45 2.20
N GLY A 141 44.27 12.18 2.74
CA GLY A 141 43.01 12.35 1.99
C GLY A 141 42.10 11.14 1.95
N ASP A 142 42.59 9.98 2.39
CA ASP A 142 41.81 8.73 2.40
C ASP A 142 40.43 8.95 2.98
N ASN A 143 39.42 8.32 2.38
CA ASN A 143 38.03 8.62 2.70
C ASN A 143 37.05 7.49 2.38
N ILE A 144 35.94 7.44 3.10
CA ILE A 144 34.91 6.41 2.85
C ILE A 144 33.51 6.99 2.76
N ILE A 145 32.75 6.54 1.77
CA ILE A 145 31.38 7.00 1.55
C ILE A 145 30.40 5.89 1.86
N CYS A 146 29.31 6.19 2.56
CA CYS A 146 28.25 5.22 2.75
C CYS A 146 26.87 5.82 2.50
N PHE A 147 26.37 5.72 1.27
CA PHE A 147 25.06 6.28 0.93
C PHE A 147 23.97 5.87 1.91
N ALA A 148 23.92 4.59 2.25
CA ALA A 148 22.95 4.10 3.22
C ALA A 148 22.95 4.95 4.47
N GLU A 149 24.15 5.23 4.95
CA GLU A 149 24.36 6.01 6.16
C GLU A 149 23.90 7.47 6.05
N LEU A 150 24.07 8.07 4.87
CA LEU A 150 23.70 9.45 4.64
C LEU A 150 22.23 9.60 4.27
N LYS A 151 21.71 8.73 3.41
CA LYS A 151 20.32 8.82 2.98
C LYS A 151 19.39 8.63 4.18
N LEU A 152 19.72 7.70 5.06
CA LEU A 152 18.96 7.54 6.30
C LEU A 152 19.17 8.67 7.29
N GLY A 153 20.32 9.33 7.22
CA GLY A 153 20.60 10.46 8.09
C GLY A 153 19.68 11.65 7.84
N PHE A 154 19.60 12.09 6.59
CA PHE A 154 18.70 13.19 6.23
C PHE A 154 17.31 12.97 6.78
N ILE A 155 16.79 11.78 6.54
CA ILE A 155 15.49 11.41 7.04
C ILE A 155 15.44 11.55 8.57
N ALA A 156 16.39 10.94 9.26
CA ALA A 156 16.45 11.03 10.72
C ALA A 156 16.22 12.46 11.17
N GLN A 157 17.06 13.36 10.69
CA GLN A 157 16.99 14.77 11.06
C GLN A 157 15.59 15.34 10.84
N GLY A 158 14.94 14.96 9.74
CA GLY A 158 13.57 15.37 9.47
C GLY A 158 12.59 14.93 10.54
N CYS A 159 12.89 13.81 11.17
CA CYS A 159 12.08 13.31 12.28
C CYS A 159 12.36 14.03 13.60
N LEU A 160 13.60 14.44 13.80
CA LEU A 160 13.94 15.25 14.96
C LEU A 160 13.27 16.61 14.86
N VAL A 161 13.56 17.31 13.76
CA VAL A 161 13.16 18.70 13.59
C VAL A 161 12.38 18.90 12.32
N PRO A 162 11.08 19.23 12.44
CA PRO A 162 10.24 19.43 11.26
C PRO A 162 10.88 20.32 10.22
N GLY A 163 11.01 19.84 9.00
CA GLY A 163 11.58 20.63 7.92
C GLY A 163 13.08 20.49 7.74
N LEU A 164 13.78 20.10 8.80
CA LEU A 164 15.23 20.10 8.81
C LEU A 164 15.82 19.31 7.65
N CYS A 165 15.11 18.26 7.25
CA CYS A 165 15.56 17.42 6.15
C CYS A 165 15.77 18.21 4.86
N THR A 166 14.70 18.87 4.40
CA THR A 166 14.76 19.63 3.15
C THR A 166 15.70 20.81 3.25
N PHE A 167 15.73 21.44 4.42
CA PHE A 167 16.71 22.48 4.67
C PHE A 167 18.06 21.89 4.30
N LEU A 168 18.47 20.86 5.02
CA LEU A 168 19.78 20.27 4.78
C LEU A 168 20.00 19.96 3.29
N THR A 169 18.97 19.43 2.63
CA THR A 169 19.12 19.01 1.25
C THR A 169 19.42 20.17 0.30
N SER A 170 18.74 21.29 0.50
CA SER A 170 18.87 22.44 -0.41
C SER A 170 20.29 23.00 -0.46
N LEU A 171 21.03 22.78 0.62
CA LEU A 171 22.42 23.17 0.67
C LEU A 171 23.25 22.35 -0.31
N PHE A 172 22.74 21.19 -0.71
CA PHE A 172 23.44 20.33 -1.65
C PHE A 172 22.75 20.20 -3.00
N VAL A 173 21.44 20.28 -3.02
CA VAL A 173 20.73 20.36 -4.29
C VAL A 173 21.21 21.60 -5.05
N GLU A 174 21.18 21.51 -6.37
CA GLU A 174 21.46 22.65 -7.24
C GLU A 174 20.34 22.84 -8.26
N GLN A 175 19.45 23.79 -7.98
CA GLN A 175 18.44 24.19 -8.96
C GLN A 175 19.13 24.63 -10.26
N ASN A 176 18.45 24.41 -11.38
CA ASN A 176 19.00 24.80 -12.69
C ASN A 176 18.66 26.26 -13.01
N LYS A 177 17.77 26.85 -12.20
CA LYS A 177 17.52 28.29 -12.22
C LYS A 177 16.89 28.79 -13.53
N LYS A 178 16.08 27.94 -14.16
CA LYS A 178 15.33 28.32 -15.36
C LYS A 178 13.86 28.67 -15.04
N VAL A 179 13.38 28.20 -13.89
CA VAL A 179 11.94 28.28 -13.55
C VAL A 179 11.46 29.63 -13.02
N MET A 180 10.73 30.39 -13.86
CA MET A 180 10.12 31.66 -13.47
C MET A 180 8.86 31.44 -12.60
N PRO A 181 8.90 31.85 -11.31
CA PRO A 181 7.88 31.45 -10.34
C PRO A 181 6.55 32.22 -10.47
N LYS A 182 5.47 31.57 -10.07
CA LYS A 182 4.14 32.17 -10.13
C LYS A 182 3.93 33.14 -8.96
N GLN A 183 4.19 32.65 -7.76
CA GLN A 183 3.75 33.29 -6.52
C GLN A 183 4.93 33.82 -5.69
N THR A 184 4.65 34.80 -4.85
CA THR A 184 5.69 35.44 -4.00
C THR A 184 6.44 34.41 -3.14
N TRP A 185 5.71 33.55 -2.45
CA TRP A 185 6.32 32.59 -1.54
C TRP A 185 7.21 31.62 -2.27
N LYS A 186 6.83 31.23 -3.48
CA LYS A 186 7.65 30.30 -4.27
C LYS A 186 8.85 31.01 -4.85
N LYS A 187 8.75 32.33 -5.02
CA LYS A 187 9.89 33.14 -5.40
C LYS A 187 10.98 33.06 -4.32
N HIS A 188 10.55 33.14 -3.06
CA HIS A 188 11.48 33.06 -1.94
C HIS A 188 12.13 31.72 -1.87
N PHE A 189 11.33 30.67 -1.94
CA PHE A 189 11.86 29.33 -1.76
C PHE A 189 12.98 29.01 -2.73
N LEU A 190 12.76 29.30 -4.02
CA LEU A 190 13.70 28.88 -5.04
C LEU A 190 15.03 29.61 -4.91
N ASN A 191 15.00 30.92 -4.69
CA ASN A 191 16.26 31.68 -4.62
C ASN A 191 17.05 31.40 -3.34
N SER A 192 16.37 30.86 -2.32
CA SER A 192 17.05 30.41 -1.09
C SER A 192 17.86 29.15 -1.38
N MET A 193 17.40 28.39 -2.38
CA MET A 193 18.04 27.15 -2.77
C MET A 193 19.41 27.39 -3.40
N LYS A 194 19.61 28.59 -3.93
CA LYS A 194 20.90 29.02 -4.48
C LYS A 194 22.03 28.85 -3.47
N ASN A 195 21.67 28.87 -2.18
CA ASN A 195 22.63 28.66 -1.09
C ASN A 195 23.23 27.26 -1.06
N LYS A 196 24.55 27.23 -1.03
CA LYS A 196 25.32 26.00 -1.01
C LYS A 196 26.09 26.03 0.29
N ILE A 197 26.96 25.05 0.49
CA ILE A 197 27.98 25.12 1.53
C ILE A 197 29.34 25.20 0.88
N LEU A 198 29.84 26.42 0.75
CA LEU A 198 31.19 26.64 0.27
C LEU A 198 32.14 26.61 1.45
N THR A 199 33.40 26.25 1.17
CA THR A 199 34.44 26.19 2.18
C THR A 199 35.53 27.19 1.85
N GLN A 200 36.17 27.74 2.88
CA GLN A 200 37.22 28.75 2.70
C GLN A 200 38.03 28.90 3.98
N ARG A 201 39.34 29.08 3.84
CA ARG A 201 40.20 29.37 4.98
C ARG A 201 40.15 30.86 5.27
N LEU A 202 40.27 31.19 6.55
CA LEU A 202 39.99 32.55 7.02
C LEU A 202 41.26 33.40 7.06
N SER A 203 41.08 34.71 6.98
CA SER A 203 42.19 35.66 7.00
C SER A 203 43.04 35.54 8.26
N ASP A 204 44.26 36.05 8.19
CA ASP A 204 45.18 35.99 9.32
C ASP A 204 44.77 36.97 10.43
N ASP A 205 44.29 38.15 10.04
CA ASP A 205 43.88 39.19 11.01
C ASP A 205 42.67 38.76 11.87
N PHE A 206 42.11 37.59 11.59
CA PHE A 206 41.08 37.01 12.47
C PHE A 206 41.65 36.35 13.72
N ALA A 207 42.89 35.86 13.63
CA ALA A 207 43.48 35.05 14.71
C ALA A 207 43.26 35.67 16.09
N GLY A 208 42.83 34.84 17.04
CA GLY A 208 42.60 35.28 18.42
C GLY A 208 41.17 35.71 18.71
N MET A 209 40.38 35.94 17.67
CA MET A 209 39.00 36.35 17.85
C MET A 209 38.16 35.13 18.21
N SER A 210 37.22 35.30 19.13
CA SER A 210 36.29 34.23 19.47
C SER A 210 35.36 34.00 18.29
N PHE A 211 34.84 32.79 18.17
CA PHE A 211 34.00 32.43 17.04
C PHE A 211 32.86 33.43 16.82
N PRO A 212 32.02 33.65 17.85
CA PRO A 212 30.89 34.57 17.67
C PRO A 212 31.30 35.99 17.23
N GLU A 213 32.46 36.43 17.71
CA GLU A 213 33.04 37.69 17.28
C GLU A 213 33.29 37.66 15.78
N VAL A 214 33.82 36.54 15.30
CA VAL A 214 34.15 36.40 13.89
C VAL A 214 32.88 36.27 13.06
N ALA A 215 32.03 35.33 13.46
CA ALA A 215 30.75 35.08 12.80
C ALA A 215 30.04 36.39 12.47
N ARG A 216 30.04 37.29 13.44
CA ARG A 216 29.46 38.62 13.28
C ARG A 216 30.03 39.38 12.08
N LEU A 217 31.34 39.64 12.09
CA LEU A 217 31.99 40.44 11.05
C LEU A 217 31.70 39.94 9.64
N CYS A 218 31.78 38.63 9.46
CA CYS A 218 31.52 38.01 8.16
C CYS A 218 30.09 38.25 7.73
N PHE A 219 29.17 38.15 8.69
CA PHE A 219 27.77 38.40 8.42
C PHE A 219 27.50 39.87 8.08
N LEU A 220 28.06 40.78 8.87
CA LEU A 220 27.76 42.21 8.73
C LEU A 220 28.60 42.87 7.64
N LYS A 221 29.92 42.65 7.68
CA LYS A 221 30.82 43.26 6.72
C LYS A 221 30.70 42.59 5.34
N MET A 222 30.64 41.26 5.32
CA MET A 222 30.70 40.51 4.07
C MET A 222 29.38 39.84 3.66
N HIS A 223 28.36 39.91 4.50
CA HIS A 223 27.10 39.19 4.25
C HIS A 223 27.31 37.71 4.03
N LEU A 224 28.25 37.14 4.78
CA LEU A 224 28.53 35.71 4.70
C LEU A 224 28.08 35.06 6.00
N LEU A 225 27.23 34.04 5.89
CA LEU A 225 26.82 33.28 7.05
C LEU A 225 27.79 32.11 7.29
N LEU A 226 28.68 32.27 8.26
CA LEU A 226 29.65 31.24 8.63
C LEU A 226 29.10 30.43 9.80
N ILE A 227 29.29 29.12 9.77
CA ILE A 227 28.61 28.23 10.73
C ILE A 227 29.49 27.20 11.49
N ALA A 228 30.67 26.88 10.96
CA ALA A 228 31.57 25.98 11.68
C ALA A 228 33.01 26.12 11.18
N ILE A 229 33.96 25.55 11.93
CA ILE A 229 35.37 25.62 11.56
C ILE A 229 36.20 24.37 11.87
N GLU A 230 37.35 24.28 11.19
CA GLU A 230 38.34 23.23 11.42
C GLU A 230 39.71 23.82 11.75
N TYR A 231 40.58 23.00 12.35
CA TYR A 231 41.93 23.40 12.71
C TYR A 231 42.99 22.75 11.82
N PHE A 239 44.03 19.36 8.90
CA PHE A 239 42.87 19.86 9.62
C PHE A 239 42.26 18.78 10.53
N CYS A 240 42.22 19.03 11.83
CA CYS A 240 42.04 17.95 12.82
C CYS A 240 40.70 17.90 13.58
N GLY A 241 40.03 19.03 13.73
CA GLY A 241 38.82 19.07 14.56
C GLY A 241 37.74 20.01 14.07
N LEU A 242 36.61 19.44 13.66
CA LEU A 242 35.48 20.20 13.12
C LEU A 242 34.44 20.46 14.21
N ILE A 243 33.95 21.70 14.28
CA ILE A 243 33.03 22.10 15.35
C ILE A 243 31.96 23.05 14.84
N LEU A 244 30.71 22.76 15.19
CA LEU A 244 29.57 23.57 14.76
C LEU A 244 29.23 24.58 15.85
N ASN A 245 29.16 25.86 15.46
CA ASN A 245 28.84 26.97 16.36
C ASN A 245 29.62 26.95 17.67
N PRO A 246 30.94 27.14 17.59
CA PRO A 246 31.78 27.07 18.78
C PRO A 246 31.36 28.08 19.84
N PRO A 247 31.42 27.70 21.13
CA PRO A 247 31.17 28.64 22.22
C PRO A 247 32.24 29.73 22.30
N PRO A 248 32.07 30.68 23.23
CA PRO A 248 33.06 31.72 23.46
C PRO A 248 34.49 31.21 23.66
N GLN A 249 34.69 30.32 24.63
CA GLN A 249 36.03 29.84 25.02
C GLN A 249 36.97 29.45 23.85
N VAL A 250 36.39 29.01 22.73
CA VAL A 250 37.19 28.61 21.57
C VAL A 250 37.49 29.81 20.67
N ARG A 251 38.78 30.14 20.54
CA ARG A 251 39.23 31.22 19.67
C ARG A 251 39.74 30.67 18.33
N ILE A 252 39.70 31.51 17.31
CA ILE A 252 40.18 31.13 15.98
C ILE A 252 41.69 31.19 15.96
N ARG A 253 42.30 30.32 15.15
CA ARG A 253 43.75 30.35 14.96
C ARG A 253 44.09 30.85 13.55
N LYS A 254 45.39 30.97 13.28
CA LYS A 254 45.87 31.26 11.92
C LYS A 254 45.68 30.01 11.06
N ASN A 255 45.44 30.20 9.77
CA ASN A 255 45.19 29.10 8.83
C ASN A 255 44.00 28.21 9.21
N THR A 256 43.00 28.80 9.85
CA THR A 256 41.79 28.07 10.20
C THR A 256 40.81 28.04 9.02
N LEU A 257 40.22 26.87 8.79
CA LEU A 257 39.25 26.69 7.72
C LEU A 257 37.84 26.94 8.25
N GLY A 258 37.07 27.76 7.52
CA GLY A 258 35.71 28.07 7.91
C GLY A 258 34.68 27.38 7.04
N PHE A 259 33.48 27.24 7.57
CA PHE A 259 32.39 26.61 6.82
C PHE A 259 31.21 27.57 6.71
N PHE A 260 30.78 27.83 5.48
CA PHE A 260 29.90 28.93 5.18
C PHE A 260 28.58 28.48 4.61
N ILE A 261 27.76 29.46 4.24
CA ILE A 261 26.55 29.24 3.47
C ILE A 261 26.44 30.41 2.51
N ALA A 262 26.60 30.17 1.21
CA ALA A 262 26.64 31.27 0.24
C ALA A 262 26.43 30.84 -1.20
N GLU A 263 26.04 31.78 -2.05
CA GLU A 263 25.78 31.53 -3.47
C GLU A 263 27.01 31.01 -4.22
N THR A 264 28.05 31.85 -4.30
CA THR A 264 29.24 31.54 -5.09
C THR A 264 30.50 31.63 -4.24
N PRO A 265 31.59 30.98 -4.68
CA PRO A 265 32.83 30.98 -3.90
C PRO A 265 33.55 32.33 -3.92
N LYS A 266 33.23 33.19 -4.89
CA LYS A 266 33.73 34.55 -4.88
C LYS A 266 33.35 35.22 -3.57
N ASP A 267 32.05 35.19 -3.25
CA ASP A 267 31.51 35.81 -2.04
C ASP A 267 32.22 35.33 -0.77
N VAL A 268 32.51 34.04 -0.72
CA VAL A 268 33.13 33.46 0.46
C VAL A 268 34.61 33.84 0.53
N ARG A 269 35.23 34.07 -0.62
CA ARG A 269 36.64 34.43 -0.67
C ARG A 269 36.89 35.78 -0.01
N ARG A 270 35.88 36.66 -0.01
CA ARG A 270 35.97 37.95 0.69
C ARG A 270 36.45 37.78 2.13
N ALA A 271 36.08 36.66 2.77
CA ALA A 271 36.51 36.35 4.14
C ALA A 271 37.92 35.76 4.21
N LEU A 272 38.70 35.91 3.15
CA LEU A 272 40.12 35.56 3.16
C LEU A 272 40.98 36.81 3.29
N PHE A 273 40.36 37.97 3.56
CA PHE A 273 41.07 39.26 3.54
C PHE A 273 40.84 40.11 4.80
N ASP A 353 23.82 10.49 33.54
CA ASP A 353 23.13 9.93 32.37
C ASP A 353 24.04 8.98 31.55
N GLN A 354 23.42 8.11 30.75
CA GLN A 354 24.08 6.90 30.24
C GLN A 354 24.42 6.96 28.73
N LEU A 355 25.70 7.08 28.41
CA LEU A 355 26.21 7.11 27.03
C LEU A 355 26.98 5.86 26.70
N ASP A 356 27.44 5.76 25.46
CA ASP A 356 28.29 4.66 25.01
C ASP A 356 29.74 4.93 25.38
N SER A 357 30.64 4.09 24.89
CA SER A 357 32.09 4.27 25.08
C SER A 357 32.61 5.57 24.47
N SER A 358 32.27 5.82 23.20
CA SER A 358 32.76 7.02 22.49
C SER A 358 32.04 8.32 22.90
N GLY A 359 30.97 8.19 23.71
CA GLY A 359 30.26 9.35 24.24
C GLY A 359 29.53 10.14 23.16
N MET A 360 29.10 9.43 22.12
CA MET A 360 28.46 10.03 20.97
C MET A 360 26.97 9.77 20.91
N PHE A 361 26.51 8.72 21.58
CA PHE A 361 25.11 8.36 21.57
C PHE A 361 24.71 7.55 22.80
N HIS A 362 23.44 7.62 23.18
CA HIS A 362 22.92 6.89 24.32
C HIS A 362 23.01 5.41 24.10
N TRP A 363 23.25 4.68 25.19
CA TRP A 363 23.61 3.27 25.12
C TRP A 363 22.86 2.48 26.14
N CYS A 364 22.78 1.17 25.95
CA CYS A 364 22.21 0.26 26.94
C CYS A 364 22.58 -1.19 26.69
N LYS A 365 22.48 -2.00 27.75
CA LYS A 365 22.84 -3.42 27.70
C LYS A 365 21.97 -4.12 26.68
N PRO A 366 22.58 -4.87 25.74
CA PRO A 366 21.91 -5.41 24.57
C PRO A 366 20.75 -6.33 24.93
N THR A 367 19.54 -5.79 24.89
CA THR A 367 18.33 -6.56 25.21
C THR A 367 17.81 -7.27 23.97
N SER A 368 17.27 -8.48 24.17
CA SER A 368 16.84 -9.32 23.06
C SER A 368 15.53 -8.83 22.47
N LEU A 369 15.24 -9.32 21.28
CA LEU A 369 14.11 -8.84 20.50
C LEU A 369 12.79 -9.23 21.12
N ASP A 370 12.79 -10.38 21.79
CA ASP A 370 11.57 -10.90 22.37
C ASP A 370 10.92 -9.87 23.29
N LYS A 371 11.72 -9.16 24.07
CA LYS A 371 11.21 -8.15 25.00
C LYS A 371 10.71 -6.95 24.23
N VAL A 372 11.53 -6.50 23.30
CA VAL A 372 11.26 -5.29 22.54
C VAL A 372 10.08 -5.46 21.57
N THR A 373 9.77 -6.69 21.17
CA THR A 373 8.72 -6.93 20.17
C THR A 373 7.31 -6.82 20.75
N LEU A 374 6.54 -5.89 20.21
CA LEU A 374 5.20 -5.57 20.71
C LEU A 374 4.23 -6.71 20.41
N LYS A 375 3.44 -7.10 21.41
CA LYS A 375 2.37 -8.08 21.21
C LYS A 375 1.21 -7.40 20.49
N ARG A 376 0.50 -8.18 19.67
CA ARG A 376 -0.64 -7.65 18.91
C ARG A 376 -1.99 -8.14 19.42
N THR A 377 -1.99 -9.25 20.16
CA THR A 377 -3.22 -9.81 20.72
C THR A 377 -3.41 -9.35 22.16
N GLY A 378 -4.63 -9.51 22.67
CA GLY A 378 -4.99 -9.13 24.04
C GLY A 378 -5.84 -7.87 24.10
N TYR A 382 -1.13 -0.05 26.20
CA TYR A 382 -1.11 0.07 24.76
C TYR A 382 -0.36 1.32 24.24
N LYS A 383 -0.60 2.47 24.89
CA LYS A 383 -0.34 3.81 24.32
C LYS A 383 1.12 4.27 24.18
N PHE A 384 1.39 4.97 23.06
CA PHE A 384 2.62 5.73 22.79
C PHE A 384 2.25 7.18 22.50
N ARG A 385 3.17 8.11 22.76
CA ARG A 385 2.92 9.54 22.57
C ARG A 385 4.15 10.24 22.01
N ASN A 386 3.91 11.23 21.16
CA ASN A 386 4.97 12.06 20.59
C ASN A 386 6.22 11.28 20.14
N HIS A 387 5.98 10.17 19.44
CA HIS A 387 7.01 9.20 19.07
C HIS A 387 7.14 9.12 17.60
N ILE A 388 8.20 8.46 17.14
CA ILE A 388 8.47 8.32 15.71
C ILE A 388 8.09 6.94 15.24
N VAL A 389 7.17 6.87 14.28
CA VAL A 389 6.82 5.63 13.64
C VAL A 389 7.62 5.51 12.34
N ALA A 390 8.40 4.44 12.22
CA ALA A 390 9.13 4.18 11.01
C ALA A 390 8.53 2.94 10.37
N CYS A 391 8.07 3.06 9.14
CA CYS A 391 7.56 1.91 8.41
C CYS A 391 8.69 1.39 7.55
N VAL A 392 8.97 0.10 7.63
CA VAL A 392 10.00 -0.51 6.79
C VAL A 392 9.41 -1.69 6.05
N PHE A 393 9.95 -1.97 4.86
CA PHE A 393 9.44 -3.07 4.04
C PHE A 393 10.52 -4.12 3.79
N GLY A 394 10.18 -5.39 4.01
CA GLY A 394 11.12 -6.46 3.69
C GLY A 394 10.62 -7.88 3.91
N ASP A 395 11.56 -8.81 3.92
CA ASP A 395 11.31 -10.23 4.20
C ASP A 395 12.63 -10.98 4.28
N ALA A 396 12.57 -12.30 4.50
CA ALA A 396 13.76 -13.14 4.42
C ALA A 396 14.56 -12.87 3.14
N HIS A 397 13.87 -12.61 2.03
CA HIS A 397 14.51 -12.40 0.71
C HIS A 397 14.96 -10.99 0.43
N SER A 398 14.61 -10.05 1.30
CA SER A 398 14.95 -8.65 1.05
C SER A 398 16.36 -8.35 1.50
N ALA A 399 17.02 -7.46 0.77
CA ALA A 399 18.36 -6.99 1.15
C ALA A 399 18.22 -6.12 2.39
N PRO A 400 19.31 -6.01 3.18
CA PRO A 400 19.21 -5.22 4.41
C PRO A 400 19.32 -3.73 4.12
N MET A 401 18.54 -2.93 4.84
CA MET A 401 18.72 -1.48 4.88
C MET A 401 19.31 -1.13 6.23
N GLY A 402 20.39 -0.36 6.24
CA GLY A 402 21.12 -0.12 7.47
C GLY A 402 20.30 0.71 8.43
N LEU A 403 19.55 0.07 9.33
CA LEU A 403 18.65 0.79 10.21
C LEU A 403 19.38 1.45 11.35
N ARG A 404 20.57 0.94 11.68
CA ARG A 404 21.48 1.64 12.59
C ARG A 404 21.55 3.10 12.18
N ASN A 405 21.87 3.35 10.92
CA ASN A 405 22.01 4.71 10.40
C ASN A 405 20.82 5.63 10.66
N PHE A 406 19.66 5.06 10.92
CA PHE A 406 18.45 5.83 11.15
C PHE A 406 18.19 6.07 12.62
N VAL A 407 18.51 5.10 13.46
CA VAL A 407 18.37 5.28 14.90
C VAL A 407 19.45 6.22 15.40
N MET A 408 20.70 5.87 15.13
CA MET A 408 21.87 6.58 15.65
C MET A 408 21.70 8.12 15.76
N PRO A 409 21.34 8.82 14.67
CA PRO A 409 21.17 10.26 14.78
C PRO A 409 20.04 10.66 15.71
N LEU A 410 18.98 9.86 15.77
CA LEU A 410 17.89 10.08 16.71
C LEU A 410 18.26 9.67 18.13
N ARG A 411 19.52 9.28 18.33
CA ARG A 411 19.99 8.83 19.61
C ARG A 411 21.34 9.48 19.93
N ALA A 412 21.53 10.73 19.52
CA ALA A 412 22.78 11.45 19.77
C ALA A 412 22.94 11.77 21.26
N SER A 413 24.18 11.83 21.72
CA SER A 413 24.47 12.08 23.14
C SER A 413 24.17 13.50 23.59
N ASN A 414 24.16 14.44 22.63
CA ASN A 414 23.85 15.84 22.96
C ASN A 414 22.35 16.13 23.07
N TYR A 415 21.53 15.09 22.86
CA TYR A 415 20.17 15.10 23.37
C TYR A 415 20.23 14.47 24.74
N THR A 416 19.10 14.45 25.42
CA THR A 416 19.03 13.97 26.80
C THR A 416 17.95 12.91 26.94
N ARG A 417 18.23 11.89 27.76
CA ARG A 417 17.27 10.82 28.05
C ARG A 417 15.84 11.38 28.17
N LYS A 418 15.69 12.49 28.88
CA LYS A 418 14.40 13.17 28.98
C LYS A 418 13.76 13.39 27.60
N GLU A 419 14.50 14.04 26.69
CA GLU A 419 13.91 14.49 25.42
C GLU A 419 14.04 13.51 24.26
N LEU A 420 14.53 12.29 24.52
CA LEU A 420 14.61 11.25 23.48
C LEU A 420 13.22 10.73 23.11
N LYS A 421 13.04 10.35 21.84
CA LYS A 421 11.76 9.82 21.35
C LYS A 421 11.74 8.30 21.17
N ASP A 422 10.59 7.70 21.40
CA ASP A 422 10.43 6.27 21.19
C ASP A 422 10.37 6.03 19.70
N ILE A 423 10.94 4.91 19.26
CA ILE A 423 10.94 4.56 17.85
C ILE A 423 10.27 3.22 17.64
N VAL A 424 9.04 3.25 17.13
CA VAL A 424 8.32 2.03 16.79
C VAL A 424 8.55 1.74 15.33
N PHE A 425 9.10 0.56 15.04
CA PHE A 425 9.21 0.08 13.68
C PHE A 425 8.03 -0.79 13.35
N ILE A 426 7.36 -0.53 12.24
CA ILE A 426 6.30 -1.40 11.77
C ILE A 426 6.79 -2.20 10.58
N GLY A 427 6.87 -3.52 10.71
CA GLY A 427 7.41 -4.32 9.62
C GLY A 427 7.54 -5.81 9.87
N SER A 428 8.00 -6.51 8.85
CA SER A 428 8.23 -7.94 8.92
C SER A 428 9.25 -8.22 10.01
N LEU A 429 8.86 -9.01 11.01
CA LEU A 429 9.78 -9.39 12.08
C LEU A 429 10.98 -10.13 11.52
N ASP A 430 10.72 -11.06 10.62
CA ASP A 430 11.76 -11.83 9.92
C ASP A 430 12.79 -10.92 9.26
N TYR A 431 12.33 -9.81 8.67
CA TYR A 431 13.25 -8.84 8.11
C TYR A 431 13.96 -8.09 9.20
N LEU A 432 13.20 -7.66 10.20
CA LEU A 432 13.72 -6.77 11.23
C LEU A 432 14.64 -7.47 12.22
N GLN A 433 14.44 -8.76 12.44
CA GLN A 433 15.30 -9.50 13.35
C GLN A 433 16.70 -9.65 12.76
N ARG A 434 16.82 -9.55 11.43
CA ARG A 434 18.12 -9.62 10.80
C ARG A 434 18.92 -8.33 11.03
N GLU A 435 18.25 -7.21 11.27
CA GLU A 435 18.91 -5.92 11.60
C GLU A 435 19.22 -5.77 13.09
N TRP A 436 18.50 -6.52 13.92
CA TRP A 436 18.49 -6.30 15.35
C TRP A 436 19.83 -6.36 15.99
N ARG A 437 20.71 -7.22 15.49
CA ARG A 437 22.08 -7.28 15.98
C ARG A 437 22.66 -5.88 16.10
N PHE A 438 22.45 -5.05 15.08
CA PHE A 438 23.07 -3.74 15.02
C PHE A 438 22.24 -2.62 15.67
N LEU A 439 21.03 -2.94 16.15
CA LEU A 439 20.19 -1.99 16.88
C LEU A 439 20.10 -2.31 18.37
N TRP A 440 20.84 -3.32 18.81
CA TRP A 440 20.81 -3.80 20.21
C TRP A 440 20.84 -2.75 21.25
N ASN A 441 21.82 -1.86 21.12
CA ASN A 441 22.27 -1.04 22.24
C ASN A 441 21.62 0.34 22.29
N PHE A 442 20.64 0.55 21.41
CA PHE A 442 19.86 1.76 21.48
C PHE A 442 18.61 1.54 22.34
N PRO A 443 18.26 2.52 23.17
CA PRO A 443 17.08 2.46 24.03
C PRO A 443 15.79 2.97 23.40
N GLN A 444 14.66 2.60 24.02
CA GLN A 444 13.32 3.04 23.57
C GLN A 444 13.02 2.73 22.11
N ILE A 445 13.53 1.60 21.64
CA ILE A 445 13.24 1.09 20.31
C ILE A 445 12.30 -0.08 20.47
N TYR A 446 11.25 -0.09 19.65
CA TYR A 446 10.23 -1.11 19.75
C TYR A 446 9.83 -1.55 18.36
N ILE A 447 9.37 -2.79 18.24
CA ILE A 447 9.06 -3.35 16.94
C ILE A 447 7.66 -3.93 16.92
N LEU A 448 6.82 -3.41 16.05
CA LEU A 448 5.49 -3.95 15.86
C LEU A 448 5.53 -4.76 14.59
N PRO A 449 5.35 -6.08 14.68
CA PRO A 449 5.33 -6.87 13.46
C PRO A 449 4.01 -6.68 12.73
N GLY A 450 4.11 -6.46 11.43
CA GLY A 450 2.94 -6.16 10.61
C GLY A 450 3.33 -5.42 9.35
N CYS A 451 2.37 -4.77 8.72
CA CYS A 451 2.63 -3.99 7.51
C CYS A 451 1.99 -2.63 7.61
N ALA A 452 2.72 -1.61 7.19
CA ALA A 452 2.24 -0.22 7.21
C ALA A 452 1.07 0.01 6.27
N LEU A 453 0.95 -0.81 5.23
CA LEU A 453 -0.18 -0.69 4.29
C LEU A 453 -1.49 -0.98 5.00
N TYR A 454 -1.43 -1.81 6.03
CA TYR A 454 -2.59 -2.10 6.84
C TYR A 454 -2.81 -0.98 7.85
N SER A 455 -3.95 -0.28 7.75
CA SER A 455 -4.25 0.82 8.66
C SER A 455 -4.56 0.32 10.06
N GLY A 456 -4.96 -0.94 10.18
CA GLY A 456 -5.14 -1.55 11.49
C GLY A 456 -3.83 -1.59 12.27
N ASP A 457 -2.76 -1.96 11.60
CA ASP A 457 -1.45 -2.03 12.23
C ASP A 457 -0.84 -0.64 12.46
N LEU A 458 -1.30 0.37 11.72
CA LEU A 458 -0.88 1.74 11.97
C LEU A 458 -1.53 2.26 13.24
N HIS A 459 -2.79 1.91 13.45
CA HIS A 459 -3.49 2.30 14.67
C HIS A 459 -2.98 1.56 15.87
N ALA A 460 -2.57 0.32 15.67
CA ALA A 460 -1.94 -0.43 16.75
C ALA A 460 -0.70 0.29 17.24
N ALA A 461 0.02 0.97 16.35
CA ALA A 461 1.21 1.75 16.72
C ALA A 461 0.89 3.20 17.11
N ASN A 462 -0.37 3.47 17.42
CA ASN A 462 -0.80 4.79 17.88
C ASN A 462 -0.35 5.92 16.96
N ILE A 463 -0.46 5.67 15.65
CA ILE A 463 0.05 6.59 14.64
C ILE A 463 -0.62 7.97 14.71
N GLU A 464 -1.80 8.01 15.31
CA GLU A 464 -2.56 9.24 15.47
C GLU A 464 -1.86 10.19 16.45
N GLN A 465 -1.32 9.66 17.54
CA GLN A 465 -0.64 10.49 18.53
C GLN A 465 0.88 10.44 18.38
N CYS A 466 1.37 10.26 17.16
CA CYS A 466 2.83 10.24 16.93
C CYS A 466 3.31 11.64 16.66
N SER A 467 4.61 11.79 16.45
CA SER A 467 5.20 13.09 16.11
C SER A 467 5.69 13.15 14.67
N MET A 468 6.11 12.01 14.13
CA MET A 468 6.47 11.94 12.72
C MET A 468 6.45 10.49 12.28
N CYS A 469 5.96 10.28 11.06
CA CYS A 469 5.94 8.96 10.46
C CYS A 469 6.87 8.90 9.25
N ALA A 470 7.91 8.07 9.34
CA ALA A 470 8.85 7.93 8.25
C ALA A 470 8.50 6.70 7.44
N VAL A 471 8.35 6.86 6.13
CA VAL A 471 8.02 5.76 5.24
C VAL A 471 9.26 5.38 4.44
N LEU A 472 9.99 4.39 4.94
CA LEU A 472 11.31 4.07 4.42
C LEU A 472 11.27 3.10 3.23
N SER A 473 11.66 3.58 2.06
CA SER A 473 11.77 2.72 0.89
C SER A 473 12.69 1.54 1.21
N PRO A 474 12.37 0.36 0.67
CA PRO A 474 13.25 -0.79 0.79
C PRO A 474 14.40 -0.71 -0.22
N PRO A 475 15.51 -1.41 0.04
CA PRO A 475 16.67 -1.35 -0.85
C PRO A 475 16.40 -2.11 -2.13
N PRO A 476 17.20 -1.85 -3.18
CA PRO A 476 16.86 -2.32 -4.53
C PRO A 476 17.07 -3.81 -4.76
N GLN A 477 16.31 -4.35 -5.72
CA GLN A 477 16.34 -5.76 -6.11
C GLN A 477 16.35 -5.76 -7.65
N PRO A 478 16.39 -6.95 -8.30
CA PRO A 478 16.32 -7.00 -9.77
C PRO A 478 15.41 -5.95 -10.44
N LEU A 484 7.50 -0.50 -11.22
CA LEU A 484 6.96 -0.74 -9.87
C LEU A 484 8.00 -0.43 -8.80
N VAL A 485 8.53 0.80 -8.80
CA VAL A 485 9.73 1.14 -8.02
C VAL A 485 9.46 1.77 -6.65
N ASP A 486 8.48 2.67 -6.57
CA ASP A 486 8.13 3.33 -5.32
C ASP A 486 6.71 3.02 -4.90
N THR A 487 6.12 1.98 -5.49
CA THR A 487 4.70 1.72 -5.25
C THR A 487 4.43 1.60 -3.76
N GLU A 488 5.24 0.81 -3.06
CA GLU A 488 5.03 0.62 -1.64
C GLU A 488 5.01 1.95 -0.92
N ALA A 489 6.06 2.74 -1.09
CA ALA A 489 6.13 4.04 -0.44
C ALA A 489 4.92 4.90 -0.77
N ILE A 490 4.40 4.79 -1.99
CA ILE A 490 3.23 5.56 -2.39
C ILE A 490 1.95 5.02 -1.75
N MET A 491 1.86 3.71 -1.63
CA MET A 491 0.66 3.11 -1.07
C MET A 491 0.57 3.38 0.42
N ALA A 492 1.71 3.41 1.09
CA ALA A 492 1.73 3.77 2.51
C ALA A 492 1.23 5.19 2.66
N THR A 493 1.87 6.11 1.96
CA THR A 493 1.47 7.52 2.02
C THR A 493 -0.01 7.71 1.71
N LEU A 494 -0.59 6.80 0.94
CA LEU A 494 -2.01 6.85 0.64
C LEU A 494 -2.82 6.52 1.88
N THR A 495 -2.57 5.37 2.49
CA THR A 495 -3.36 4.95 3.64
C THR A 495 -3.14 5.87 4.83
N ILE A 496 -1.90 6.29 5.06
CA ILE A 496 -1.58 7.17 6.19
C ILE A 496 -2.28 8.52 6.02
N GLY A 497 -2.06 9.13 4.86
CA GLY A 497 -2.60 10.45 4.56
C GLY A 497 -4.11 10.51 4.63
N SER A 498 -4.78 9.42 4.29
CA SER A 498 -6.22 9.35 4.44
C SER A 498 -6.55 8.47 5.64
N LEU A 499 -6.60 9.09 6.82
CA LEU A 499 -6.93 8.38 8.05
C LEU A 499 -8.07 9.05 8.79
N GLN A 500 -8.95 8.23 9.37
CA GLN A 500 -9.99 8.68 10.32
C GLN A 500 -9.32 9.02 11.65
N ILE A 501 -8.91 10.28 11.79
CA ILE A 501 -8.13 10.75 12.95
C ILE A 501 -8.43 12.23 13.20
N LYS A 509 -4.41 15.92 9.63
CA LYS A 509 -3.50 15.09 8.86
C LYS A 509 -2.30 14.62 9.70
N VAL A 510 -1.91 13.36 9.56
CA VAL A 510 -0.77 12.81 10.31
C VAL A 510 0.54 13.36 9.74
N PRO A 511 1.50 13.72 10.61
CA PRO A 511 2.81 14.14 10.10
C PRO A 511 3.54 12.99 9.39
N ILE A 512 4.12 13.27 8.24
CA ILE A 512 4.61 12.21 7.38
C ILE A 512 5.84 12.64 6.61
N LEU A 513 6.73 11.69 6.34
CA LEU A 513 7.92 11.95 5.54
C LEU A 513 8.24 10.75 4.69
N THR A 514 7.89 10.82 3.41
CA THR A 514 8.01 9.69 2.51
C THR A 514 9.33 9.75 1.77
N GLU A 515 10.05 8.64 1.73
CA GLU A 515 11.25 8.55 0.91
C GLU A 515 10.93 8.03 -0.50
N LEU A 516 11.44 8.71 -1.51
CA LEU A 516 11.33 8.23 -2.87
C LEU A 516 12.70 7.89 -3.39
N LYS A 517 12.85 6.67 -3.92
CA LYS A 517 14.07 6.27 -4.62
C LYS A 517 14.18 6.94 -5.99
N ASN A 518 13.05 7.18 -6.64
CA ASN A 518 13.02 7.86 -7.93
C ASN A 518 12.15 9.10 -7.82
N PRO A 519 12.79 10.30 -7.84
CA PRO A 519 12.11 11.55 -7.56
C PRO A 519 11.03 11.95 -8.57
N SER A 520 11.10 11.44 -9.79
CA SER A 520 10.07 11.72 -10.77
C SER A 520 8.69 11.26 -10.30
N ASN A 521 8.65 10.28 -9.41
CA ASN A 521 7.40 9.82 -8.79
C ASN A 521 6.74 10.82 -7.84
N ILE A 522 7.30 12.03 -7.70
CA ILE A 522 6.68 13.07 -6.88
C ILE A 522 5.24 13.36 -7.33
N HIS A 523 5.00 13.35 -8.64
CA HIS A 523 3.70 13.75 -9.16
C HIS A 523 2.62 12.84 -8.73
N PHE A 524 2.96 11.63 -8.29
CA PHE A 524 1.97 10.72 -7.73
C PHE A 524 1.58 11.18 -6.34
N ILE A 525 2.55 11.56 -5.52
CA ILE A 525 2.26 11.97 -4.15
C ILE A 525 1.40 13.22 -4.12
N GLU A 526 1.78 14.22 -4.91
CA GLU A 526 0.99 15.44 -5.02
C GLU A 526 -0.41 15.14 -5.50
N GLN A 527 -0.54 14.16 -6.39
CA GLN A 527 -1.85 13.76 -6.89
C GLN A 527 -2.73 13.35 -5.74
N LEU A 528 -2.17 12.55 -4.83
CA LEU A 528 -2.89 12.07 -3.66
C LEU A 528 -3.31 13.23 -2.75
N GLY A 529 -2.43 14.24 -2.64
CA GLY A 529 -2.75 15.47 -1.90
C GLY A 529 -4.04 16.10 -2.40
N GLY A 530 -4.10 16.39 -3.69
CA GLY A 530 -5.33 16.90 -4.30
C GLY A 530 -5.15 17.81 -5.50
N LEU A 531 -3.97 18.44 -5.61
CA LEU A 531 -3.71 19.41 -6.69
C LEU A 531 -3.64 18.71 -8.05
N GLU A 532 -4.32 19.30 -9.03
CA GLU A 532 -4.52 18.66 -10.34
C GLU A 532 -3.26 18.66 -11.22
N GLY A 533 -3.34 17.92 -12.32
CA GLY A 533 -2.21 17.60 -13.20
C GLY A 533 -1.35 18.76 -13.66
N SER A 534 -2.00 19.87 -14.05
CA SER A 534 -1.29 21.06 -14.50
C SER A 534 -0.45 21.68 -13.38
N LEU A 535 -1.03 21.74 -12.18
CA LEU A 535 -0.31 22.22 -11.00
C LEU A 535 0.71 21.22 -10.45
N GLN A 536 0.65 19.97 -10.92
CA GLN A 536 1.64 18.95 -10.53
C GLN A 536 3.00 19.23 -11.19
N GLU A 537 4.07 18.92 -10.46
CA GLU A 537 5.45 19.10 -10.95
C GLU A 537 6.16 17.78 -11.25
N THR A 538 6.74 17.69 -12.44
CA THR A 538 7.60 16.57 -12.83
C THR A 538 8.93 16.55 -12.04
N ASN A 539 9.32 17.72 -11.51
CA ASN A 539 10.60 17.87 -10.81
C ASN A 539 10.42 18.03 -9.29
N LEU A 540 11.01 17.10 -8.52
CA LEU A 540 10.79 17.05 -7.08
C LEU A 540 11.15 18.34 -6.37
N HIS A 541 12.23 18.98 -6.82
CA HIS A 541 12.78 20.12 -6.10
C HIS A 541 11.95 21.37 -6.27
N LEU A 542 11.22 21.45 -7.37
CA LEU A 542 10.29 22.55 -7.59
C LEU A 542 9.00 22.31 -6.83
N SER A 543 8.77 21.07 -6.40
CA SER A 543 7.50 20.68 -5.77
C SER A 543 7.25 21.36 -4.43
N THR A 544 5.97 21.59 -4.15
CA THR A 544 5.56 22.22 -2.92
C THR A 544 5.71 21.23 -1.76
N ALA A 545 5.66 19.93 -2.07
CA ALA A 545 5.79 18.87 -1.07
C ALA A 545 7.21 18.76 -0.54
N PHE A 546 8.17 19.13 -1.39
CA PHE A 546 9.56 19.12 -1.01
C PHE A 546 9.90 20.34 -0.16
N SER A 547 9.34 21.49 -0.51
CA SER A 547 9.62 22.72 0.21
C SER A 547 9.02 22.67 1.61
N THR A 548 7.87 22.02 1.75
CA THR A 548 7.33 21.76 3.08
C THR A 548 8.17 20.70 3.80
N GLY A 549 8.61 19.69 3.07
CA GLY A 549 9.43 18.62 3.64
C GLY A 549 8.65 17.39 4.04
N THR A 550 7.69 17.01 3.20
CA THR A 550 6.93 15.79 3.40
C THR A 550 7.47 14.66 2.54
N VAL A 551 8.41 14.98 1.65
CA VAL A 551 9.12 13.94 0.87
C VAL A 551 10.63 14.13 0.94
N PHE A 552 11.35 13.05 0.66
CA PHE A 552 12.80 13.10 0.50
C PHE A 552 13.28 12.12 -0.56
N SER A 553 14.36 12.47 -1.25
CA SER A 553 14.91 11.58 -2.28
C SER A 553 16.41 11.71 -2.40
N GLY A 554 17.10 10.63 -2.11
CA GLY A 554 18.56 10.65 -2.11
C GLY A 554 19.25 10.68 -3.47
N SER A 555 18.47 10.72 -4.54
CA SER A 555 19.02 10.78 -5.89
C SER A 555 20.21 11.74 -6.01
N PHE A 556 20.14 12.87 -5.32
CA PHE A 556 21.17 13.89 -5.41
C PHE A 556 22.53 13.47 -4.83
N LEU A 557 22.54 12.46 -3.97
CA LEU A 557 23.79 11.99 -3.39
C LEU A 557 24.62 11.15 -4.36
N ASP A 558 24.14 10.96 -5.59
CA ASP A 558 24.90 10.20 -6.57
C ASP A 558 26.18 10.93 -6.94
N SER A 559 26.09 12.24 -7.10
CA SER A 559 27.26 13.06 -7.42
C SER A 559 28.34 13.00 -6.32
N LEU A 560 27.92 12.70 -5.10
CA LEU A 560 28.76 12.72 -3.88
C LEU A 560 30.19 12.18 -4.00
N LEU A 561 30.38 11.11 -4.78
CA LEU A 561 31.72 10.51 -4.95
C LEU A 561 32.72 11.50 -5.58
N ALA A 562 32.25 12.27 -6.54
CA ALA A 562 33.03 13.35 -7.13
C ALA A 562 33.24 14.51 -6.14
N THR A 563 32.21 14.81 -5.33
CA THR A 563 32.28 15.88 -4.34
C THR A 563 33.34 15.59 -3.29
N ALA A 564 33.34 14.36 -2.78
CA ALA A 564 34.32 13.91 -1.79
C ALA A 564 35.74 13.87 -2.35
N PHE A 565 35.86 13.85 -3.67
CA PHE A 565 37.17 13.96 -4.31
C PHE A 565 37.60 15.41 -4.29
N TYR A 566 36.79 16.27 -4.89
CA TYR A 566 37.18 17.64 -5.17
C TYR A 566 37.30 18.48 -3.90
N ASN A 567 36.34 18.31 -3.00
CA ASN A 567 36.45 18.90 -1.67
C ASN A 567 35.84 18.00 -0.63
N TYR A 568 36.68 17.26 0.09
CA TYR A 568 36.19 16.28 1.04
C TYR A 568 35.69 16.91 2.34
N HIS A 569 36.12 18.13 2.62
CA HIS A 569 35.67 18.82 3.83
C HIS A 569 34.19 19.03 3.82
N VAL A 570 33.62 19.25 2.63
CA VAL A 570 32.18 19.40 2.48
C VAL A 570 31.47 18.13 2.97
N LEU A 571 31.99 16.98 2.58
CA LEU A 571 31.45 15.71 3.05
C LEU A 571 31.59 15.62 4.56
N GLU A 572 32.74 16.00 5.09
CA GLU A 572 32.99 15.96 6.54
C GLU A 572 31.87 16.66 7.28
N LEU A 573 31.60 17.89 6.88
CA LEU A 573 30.54 18.68 7.49
C LEU A 573 29.21 17.98 7.32
N LEU A 574 28.85 17.72 6.07
CA LEU A 574 27.59 17.03 5.78
C LEU A 574 27.42 15.83 6.69
N GLN A 575 28.48 15.06 6.82
CA GLN A 575 28.40 13.84 7.58
C GLN A 575 27.92 14.12 8.98
N MET A 576 28.46 15.14 9.62
CA MET A 576 28.13 15.35 11.03
C MET A 576 26.78 16.03 11.22
N LEU A 577 26.39 16.87 10.28
CA LEU A 577 25.08 17.51 10.36
C LEU A 577 24.01 16.45 10.26
N VAL A 578 24.16 15.61 9.25
CA VAL A 578 23.22 14.53 9.00
C VAL A 578 23.28 13.42 10.07
N THR A 579 24.47 12.89 10.35
CA THR A 579 24.62 11.73 11.26
C THR A 579 24.83 12.08 12.74
N GLY A 580 25.20 13.32 13.03
CA GLY A 580 25.43 13.75 14.41
C GLY A 580 26.74 13.29 15.03
N GLY A 581 27.76 13.02 14.20
CA GLY A 581 29.08 12.63 14.71
C GLY A 581 29.98 11.96 13.69
N VAL A 582 31.29 12.07 13.92
CA VAL A 582 32.29 11.37 13.10
C VAL A 582 33.44 10.89 14.01
N SER A 607 32.73 19.06 23.88
CA SER A 607 33.57 18.10 23.18
C SER A 607 32.76 16.91 22.67
N GLY A 608 32.37 16.00 23.56
CA GLY A 608 31.60 14.81 23.18
C GLY A 608 30.11 15.06 23.32
N ARG A 609 29.63 15.05 24.56
CA ARG A 609 28.21 15.26 24.87
C ARG A 609 27.79 16.71 24.67
N ASN A 610 28.77 17.60 24.68
CA ASN A 610 28.51 19.04 24.57
C ASN A 610 28.71 19.54 23.15
N ARG A 611 27.61 19.68 22.42
CA ARG A 611 27.64 20.15 21.04
C ARG A 611 26.29 20.75 20.69
N CYS A 612 26.31 21.61 19.68
CA CYS A 612 25.09 22.25 19.21
C CYS A 612 24.21 21.30 18.39
N LYS A 613 22.91 21.28 18.73
CA LYS A 613 21.91 20.66 17.88
C LYS A 613 21.63 21.62 16.76
N LEU A 614 20.87 21.17 15.76
CA LEU A 614 20.13 22.08 14.89
C LEU A 614 18.69 21.98 15.36
N GLY A 615 18.03 23.12 15.54
CA GLY A 615 16.68 23.11 16.10
C GLY A 615 15.80 24.21 15.55
N LEU A 616 14.49 24.02 15.70
CA LEU A 616 13.51 24.98 15.23
C LEU A 616 12.89 25.71 16.42
N LEU A 617 12.91 27.04 16.40
CA LEU A 617 12.47 27.86 17.53
C LEU A 617 11.37 28.84 17.16
N SER A 618 10.47 29.10 18.11
CA SER A 618 9.14 29.69 17.82
C SER A 618 9.04 31.20 17.68
N LEU A 619 9.93 31.95 18.31
CA LEU A 619 9.81 33.43 18.41
C LEU A 619 8.65 33.90 19.31
N HIS A 620 7.84 32.97 19.81
CA HIS A 620 6.71 33.29 20.66
C HIS A 620 6.75 32.34 21.83
N GLU A 621 6.87 32.89 23.04
CA GLU A 621 7.13 32.09 24.23
C GLU A 621 8.39 31.23 24.04
N THR A 622 9.44 31.86 23.51
CA THR A 622 10.78 31.25 23.44
C THR A 622 11.79 32.33 23.81
N ILE A 623 13.04 31.93 24.07
CA ILE A 623 14.06 32.90 24.51
C ILE A 623 14.33 33.99 23.48
N LEU A 624 14.19 33.66 22.20
CA LEU A 624 14.40 34.61 21.11
C LEU A 624 13.45 35.79 21.24
N SER A 625 12.23 35.50 21.70
CA SER A 625 11.19 36.52 21.85
C SER A 625 11.60 37.68 22.77
N ASP A 626 12.78 37.60 23.37
CA ASP A 626 13.31 38.69 24.20
C ASP A 626 14.29 39.60 23.43
N VAL A 627 14.66 39.23 22.21
CA VAL A 627 15.53 40.07 21.38
C VAL A 627 14.83 41.39 21.07
N ASN A 628 15.53 42.51 21.30
CA ASN A 628 14.90 43.83 21.24
C ASN A 628 14.40 44.16 19.82
N PRO A 629 15.31 44.18 18.82
CA PRO A 629 14.88 44.13 17.41
C PRO A 629 14.81 42.71 16.80
N ARG A 630 13.59 42.20 16.63
CA ARG A 630 13.34 40.95 15.92
C ARG A 630 12.74 41.24 14.55
N ASN A 631 13.02 42.44 14.06
CA ASN A 631 12.29 42.97 12.93
C ASN A 631 12.80 42.36 11.63
N THR A 632 14.12 42.20 11.54
CA THR A 632 14.75 41.68 10.34
C THR A 632 15.70 40.51 10.64
N PHE A 633 15.78 39.54 9.75
CA PHE A 633 16.59 38.35 9.95
C PHE A 633 17.97 38.69 10.53
N GLY A 634 18.67 39.59 9.86
CA GLY A 634 19.99 40.02 10.30
C GLY A 634 19.97 40.57 11.72
N GLN A 635 18.94 41.35 12.03
CA GLN A 635 18.75 41.85 13.40
C GLN A 635 18.61 40.67 14.37
N LEU A 636 17.76 39.72 14.01
CA LEU A 636 17.53 38.53 14.85
C LEU A 636 18.81 37.72 15.00
N PHE A 637 19.46 37.44 13.87
CA PHE A 637 20.71 36.68 13.83
C PHE A 637 21.76 37.19 14.82
N CYS A 638 21.92 38.50 14.89
CA CYS A 638 22.97 39.11 15.67
C CYS A 638 22.71 39.00 17.16
N GLY A 639 21.54 39.47 17.60
CA GLY A 639 21.18 39.46 19.01
C GLY A 639 21.29 38.06 19.58
N SER A 640 20.53 37.15 19.00
CA SER A 640 20.51 35.74 19.40
C SER A 640 21.91 35.16 19.59
N LEU A 641 22.81 35.45 18.65
CA LEU A 641 24.18 34.98 18.74
C LEU A 641 24.91 35.64 19.91
N ASP A 642 25.08 36.96 19.87
CA ASP A 642 25.89 37.64 20.88
C ASP A 642 25.21 37.74 22.27
N LEU A 643 24.01 37.17 22.41
CA LEU A 643 23.36 37.06 23.72
C LEU A 643 23.35 35.63 24.23
N PHE A 644 22.93 34.70 23.39
CA PHE A 644 22.73 33.30 23.79
C PHE A 644 23.62 32.28 23.07
N GLY A 645 24.47 32.76 22.17
CA GLY A 645 25.32 31.86 21.39
C GLY A 645 24.52 30.94 20.51
N ILE A 646 23.39 31.43 19.99
CA ILE A 646 22.54 30.67 19.09
C ILE A 646 22.73 31.17 17.67
N LEU A 647 23.14 30.28 16.79
CA LEU A 647 23.50 30.67 15.43
C LEU A 647 22.33 30.43 14.49
N CYS A 648 21.54 31.48 14.27
CA CYS A 648 20.37 31.38 13.40
C CYS A 648 20.78 31.24 11.94
N VAL A 649 20.21 30.23 11.29
CA VAL A 649 20.69 29.80 9.99
C VAL A 649 19.59 29.71 8.92
N GLY A 650 18.33 29.67 9.32
CA GLY A 650 17.24 29.68 8.35
C GLY A 650 15.89 29.83 9.01
N LEU A 651 14.86 30.10 8.21
CA LEU A 651 13.49 30.28 8.70
C LEU A 651 12.59 29.16 8.23
N TYR A 652 11.42 29.09 8.85
CA TYR A 652 10.37 28.15 8.45
C TYR A 652 9.04 28.90 8.44
N ARG A 653 8.68 29.42 7.27
CA ARG A 653 7.63 30.43 7.15
C ARG A 653 6.33 29.76 6.74
N ILE A 654 5.22 30.23 7.30
CA ILE A 654 3.91 29.73 6.92
C ILE A 654 3.71 30.10 5.46
N ILE A 655 2.95 29.29 4.73
CA ILE A 655 2.57 29.70 3.39
C ILE A 655 1.27 30.48 3.54
N ASP A 656 1.28 31.74 3.10
CA ASP A 656 0.13 32.64 3.23
C ASP A 656 -0.29 33.15 1.86
N GLU A 657 -1.39 32.59 1.34
CA GLU A 657 -1.92 32.94 0.02
C GLU A 657 -3.43 32.66 0.00
N GLU A 663 -4.60 25.27 6.52
CA GLU A 663 -3.90 24.07 7.04
C GLU A 663 -2.54 24.31 7.75
N ASN A 664 -2.00 25.53 7.67
CA ASN A 664 -0.76 25.92 8.38
C ASN A 664 0.51 25.15 8.02
N LYS A 665 0.60 24.71 6.77
CA LYS A 665 1.83 24.13 6.23
C LYS A 665 2.86 25.26 6.00
N ARG A 666 4.11 25.00 6.40
CA ARG A 666 5.20 25.99 6.29
C ARG A 666 6.26 25.52 5.31
N PHE A 667 7.07 26.46 4.83
CA PHE A 667 8.14 26.13 3.89
C PHE A 667 9.50 26.62 4.37
N VAL A 668 10.55 25.99 3.88
CA VAL A 668 11.90 26.21 4.37
C VAL A 668 12.67 27.29 3.61
N ILE A 669 13.09 28.34 4.33
CA ILE A 669 13.96 29.37 3.75
C ILE A 669 15.37 29.29 4.34
N THR A 670 16.32 28.83 3.52
CA THR A 670 17.72 28.76 3.93
C THR A 670 18.40 30.12 3.76
N ARG A 671 19.07 30.58 4.82
CA ARG A 671 19.89 31.82 4.79
C ARG A 671 19.24 32.96 4.01
N PRO A 672 18.23 33.60 4.60
CA PRO A 672 17.61 34.72 3.92
C PRO A 672 18.57 35.92 3.85
N ALA A 673 18.19 36.95 3.09
CA ALA A 673 18.97 38.17 3.05
C ALA A 673 19.13 38.72 4.47
N ASN A 674 20.19 39.49 4.70
CA ASN A 674 20.44 40.05 6.03
C ASN A 674 19.21 40.86 6.46
N GLU A 675 18.75 41.72 5.55
CA GLU A 675 17.57 42.55 5.81
C GLU A 675 16.32 41.89 5.23
N PHE A 676 15.82 40.88 5.92
CA PHE A 676 14.67 40.12 5.42
C PHE A 676 13.53 40.27 6.40
N LYS A 677 12.45 40.90 5.96
CA LYS A 677 11.31 41.16 6.84
C LYS A 677 10.80 39.84 7.42
N LEU A 678 10.81 39.75 8.75
CA LEU A 678 10.36 38.55 9.45
C LEU A 678 8.93 38.71 9.94
N LEU A 679 8.17 37.62 9.93
CA LEU A 679 6.82 37.60 10.51
C LEU A 679 6.88 37.09 11.94
N PRO A 680 5.85 37.41 12.76
CA PRO A 680 5.78 36.84 14.10
C PRO A 680 5.53 35.34 14.08
N SER A 681 4.77 34.88 13.09
CA SER A 681 4.45 33.46 12.93
C SER A 681 5.65 32.57 12.60
N ASP A 682 6.71 33.15 12.03
CA ASP A 682 7.87 32.38 11.58
C ASP A 682 8.49 31.58 12.71
N LEU A 683 9.05 30.42 12.35
CA LEU A 683 9.91 29.65 13.23
C LEU A 683 11.30 29.71 12.63
N VAL A 684 12.33 29.36 13.40
CA VAL A 684 13.70 29.59 12.97
C VAL A 684 14.65 28.43 13.20
N PHE A 685 15.28 27.99 12.11
CA PHE A 685 16.33 27.00 12.17
C PHE A 685 17.58 27.66 12.70
N CYS A 686 18.26 26.96 13.60
CA CYS A 686 19.39 27.53 14.34
C CYS A 686 20.15 26.47 15.12
N ALA A 687 21.42 26.76 15.39
CA ALA A 687 22.31 25.86 16.13
C ALA A 687 22.23 26.15 17.62
N ILE A 688 21.43 25.37 18.33
CA ILE A 688 21.25 25.53 19.75
C ILE A 688 22.34 24.79 20.51
N PRO A 689 23.16 25.51 21.29
CA PRO A 689 24.18 24.83 22.09
C PRO A 689 23.56 24.01 23.21
N PHE A 690 24.30 22.98 23.64
CA PHE A 690 23.79 21.98 24.56
C PHE A 690 23.49 22.58 25.94
N SER A 691 22.31 22.24 26.48
CA SER A 691 21.89 22.60 27.83
C SER A 691 21.30 24.02 27.93
N THR A 692 20.85 24.57 26.80
CA THR A 692 20.25 25.91 26.78
C THR A 692 18.80 25.87 27.26
N ALA A 693 18.42 26.87 28.06
CA ALA A 693 17.09 26.93 28.68
C ALA A 693 15.95 27.00 27.65
N CYS A 694 16.10 27.83 26.62
CA CYS A 694 15.09 28.01 25.55
C CYS A 694 13.72 28.47 26.06
N LYS B 3 -17.37 5.82 -32.93
CA LYS B 3 -17.52 7.04 -32.08
C LYS B 3 -17.23 6.68 -30.62
N LYS B 4 -17.94 5.67 -30.11
CA LYS B 4 -17.80 5.23 -28.71
C LYS B 4 -16.91 4.00 -28.59
N PHE B 5 -16.05 3.99 -27.59
CA PHE B 5 -15.06 2.93 -27.40
C PHE B 5 -14.57 2.81 -25.97
N ILE B 6 -14.03 1.64 -25.63
CA ILE B 6 -13.44 1.42 -24.31
C ILE B 6 -12.04 0.85 -24.42
N VAL B 7 -11.20 1.17 -23.44
CA VAL B 7 -9.80 0.73 -23.40
C VAL B 7 -9.65 -0.40 -22.38
N VAL B 8 -8.70 -1.30 -22.63
CA VAL B 8 -8.44 -2.43 -21.74
C VAL B 8 -6.96 -2.46 -21.36
N CYS B 9 -6.69 -2.85 -20.12
CA CYS B 9 -5.40 -2.57 -19.52
C CYS B 9 -4.82 -3.72 -18.75
N GLY B 10 -3.49 -3.78 -18.75
CA GLY B 10 -2.74 -4.59 -17.78
C GLY B 10 -2.74 -6.09 -17.98
N ASN B 11 -2.95 -6.54 -19.20
CA ASN B 11 -2.93 -7.97 -19.50
C ASN B 11 -2.71 -8.27 -20.98
N ILE B 12 -1.98 -9.35 -21.23
CA ILE B 12 -1.89 -9.97 -22.55
C ILE B 12 -2.08 -11.47 -22.35
N THR B 13 -3.33 -11.85 -22.10
CA THR B 13 -3.71 -13.23 -21.85
C THR B 13 -4.68 -13.66 -22.95
N VAL B 14 -4.23 -14.57 -23.82
CA VAL B 14 -5.08 -15.10 -24.90
C VAL B 14 -6.45 -15.45 -24.35
N ASP B 15 -6.47 -16.09 -23.17
CA ASP B 15 -7.69 -16.36 -22.44
C ASP B 15 -8.49 -15.06 -22.21
N SER B 16 -7.86 -14.07 -21.55
CA SER B 16 -8.53 -12.78 -21.19
C SER B 16 -9.21 -12.06 -22.37
N VAL B 17 -8.56 -12.10 -23.54
CA VAL B 17 -9.09 -11.51 -24.77
C VAL B 17 -10.43 -12.14 -25.14
N THR B 18 -10.49 -13.47 -25.08
CA THR B 18 -11.73 -14.22 -25.27
C THR B 18 -12.57 -14.20 -24.00
N ALA B 19 -11.90 -14.41 -22.87
CA ALA B 19 -12.52 -14.29 -21.54
C ALA B 19 -13.22 -12.94 -21.42
N PHE B 20 -12.76 -11.95 -22.16
CA PHE B 20 -13.51 -10.70 -22.27
C PHE B 20 -14.34 -10.65 -23.56
N LEU B 21 -13.69 -10.87 -24.70
CA LEU B 21 -14.32 -10.59 -26.01
C LEU B 21 -15.56 -11.44 -26.20
N ARG B 22 -15.44 -12.72 -25.86
CA ARG B 22 -16.57 -13.64 -25.88
C ARG B 22 -17.59 -13.25 -24.82
N ASN B 23 -17.08 -12.89 -23.65
CA ASN B 23 -17.93 -12.46 -22.54
C ASN B 23 -18.56 -11.06 -22.71
N PHE B 24 -18.09 -10.32 -23.72
CA PHE B 24 -18.65 -9.01 -24.06
C PHE B 24 -19.72 -9.15 -25.15
N ASN B 33 -21.79 -3.03 -31.09
CA ASN B 33 -22.26 -1.74 -30.59
C ASN B 33 -21.09 -0.81 -30.24
N THR B 34 -20.32 -1.19 -29.23
CA THR B 34 -19.24 -0.35 -28.68
C THR B 34 -17.84 -0.93 -29.02
N GLU B 35 -16.98 -0.09 -29.59
CA GLU B 35 -15.64 -0.52 -30.03
C GLU B 35 -14.67 -0.78 -28.87
N ILE B 36 -13.77 -1.76 -29.04
CA ILE B 36 -12.76 -2.11 -28.02
C ILE B 36 -11.35 -1.82 -28.52
N VAL B 37 -10.46 -1.45 -27.59
CA VAL B 37 -9.06 -1.17 -27.90
C VAL B 37 -8.20 -1.65 -26.74
N PHE B 38 -7.12 -2.37 -27.03
CA PHE B 38 -6.27 -2.95 -25.99
C PHE B 38 -5.02 -2.15 -25.74
N LEU B 39 -4.27 -2.51 -24.70
CA LEU B 39 -2.98 -1.88 -24.37
C LEU B 39 -2.21 -2.74 -23.38
N GLY B 40 -0.96 -3.05 -23.68
CA GLY B 40 -0.17 -3.92 -22.80
C GLY B 40 1.25 -4.18 -23.23
N GLU B 41 1.99 -4.90 -22.38
CA GLU B 41 3.43 -5.14 -22.56
C GLU B 41 3.76 -6.04 -23.76
N THR B 42 3.28 -7.28 -23.75
CA THR B 42 3.58 -8.23 -24.83
C THR B 42 3.04 -7.77 -26.18
N PRO B 43 3.75 -8.10 -27.27
CA PRO B 43 3.35 -7.79 -28.63
C PRO B 43 2.80 -9.03 -29.33
N THR B 50 0.98 -10.54 -32.62
CA THR B 50 -0.38 -10.38 -33.15
C THR B 50 -0.91 -11.68 -33.75
N ILE B 51 -0.94 -12.74 -32.94
CA ILE B 51 -1.42 -14.07 -33.36
C ILE B 51 -2.95 -14.13 -33.47
N PHE B 52 -3.66 -13.61 -32.47
CA PHE B 52 -5.14 -13.58 -32.49
C PHE B 52 -5.66 -12.51 -33.46
N LYS B 53 -5.49 -12.77 -34.77
CA LYS B 53 -5.80 -11.79 -35.82
C LYS B 53 -7.18 -12.02 -36.47
N CYS B 54 -7.84 -13.12 -36.11
CA CYS B 54 -9.20 -13.40 -36.60
C CYS B 54 -10.22 -12.47 -35.97
N TYR B 55 -10.11 -12.26 -34.65
CA TYR B 55 -11.01 -11.39 -33.90
C TYR B 55 -10.72 -9.89 -34.10
N LEU B 56 -9.83 -9.57 -35.03
CA LEU B 56 -9.25 -8.22 -35.19
C LEU B 56 -9.98 -7.25 -36.14
N ALA B 57 -11.22 -7.55 -36.51
CA ALA B 57 -12.08 -6.60 -37.21
C ALA B 57 -12.95 -5.82 -36.22
N TYR B 58 -13.35 -6.49 -35.14
CA TYR B 58 -14.19 -5.91 -34.10
C TYR B 58 -13.42 -5.24 -32.96
N THR B 59 -12.10 -5.11 -33.11
CA THR B 59 -11.23 -4.54 -32.06
C THR B 59 -10.02 -3.78 -32.64
N THR B 60 -9.16 -3.29 -31.74
CA THR B 60 -7.83 -2.78 -32.08
C THR B 60 -6.88 -3.16 -30.93
N PHE B 61 -5.57 -3.12 -31.17
CA PHE B 61 -4.58 -3.45 -30.13
C PHE B 61 -3.44 -2.41 -30.08
N ILE B 62 -2.72 -2.37 -28.96
CA ILE B 62 -1.51 -1.54 -28.84
C ILE B 62 -0.48 -2.24 -27.96
N SER B 63 0.80 -1.93 -28.19
CA SER B 63 1.89 -2.40 -27.33
C SER B 63 2.49 -1.19 -26.64
N GLY B 64 2.01 -0.92 -25.43
CA GLY B 64 2.54 0.16 -24.59
C GLY B 64 2.34 -0.13 -23.12
N SER B 65 2.56 0.90 -22.30
CA SER B 65 2.32 0.81 -20.86
C SER B 65 1.29 1.84 -20.44
N ALA B 66 0.42 1.44 -19.52
CA ALA B 66 -0.64 2.31 -19.03
C ALA B 66 -0.09 3.44 -18.15
N MET B 67 1.11 3.25 -17.60
CA MET B 67 1.75 4.25 -16.77
C MET B 67 2.16 5.44 -17.62
N LYS B 68 2.89 5.18 -18.69
CA LYS B 68 3.44 6.25 -19.54
C LYS B 68 2.34 7.14 -20.12
N TRP B 69 2.45 8.43 -19.80
CA TRP B 69 1.49 9.44 -20.20
C TRP B 69 1.32 9.51 -21.70
N GLU B 70 2.45 9.41 -22.42
CA GLU B 70 2.45 9.47 -23.90
C GLU B 70 1.56 8.36 -24.49
N ASP B 71 1.66 7.17 -23.93
CA ASP B 71 0.88 6.02 -24.37
C ASP B 71 -0.62 6.17 -24.09
N LEU B 72 -0.98 6.90 -23.05
CA LEU B 72 -2.40 7.07 -22.71
C LEU B 72 -3.08 8.04 -23.68
N ARG B 73 -2.34 9.08 -24.04
CA ARG B 73 -2.78 10.02 -25.08
C ARG B 73 -2.87 9.32 -26.44
N ARG B 74 -1.89 8.45 -26.69
CA ARG B 74 -1.83 7.66 -27.92
C ARG B 74 -3.11 6.86 -28.17
N VAL B 75 -3.70 6.35 -27.10
CA VAL B 75 -4.94 5.60 -27.19
C VAL B 75 -6.16 6.50 -27.02
N ALA B 76 -5.93 7.70 -26.47
CA ALA B 76 -6.97 8.72 -26.37
C ALA B 76 -8.06 8.32 -25.37
N VAL B 77 -7.64 8.02 -24.15
CA VAL B 77 -8.56 7.63 -23.06
C VAL B 77 -9.63 8.67 -22.74
N GLU B 78 -9.29 9.95 -22.91
CA GLU B 78 -10.21 11.06 -22.61
C GLU B 78 -11.64 10.80 -23.11
N SER B 79 -11.74 10.41 -24.38
CA SER B 79 -13.01 10.21 -25.06
C SER B 79 -13.53 8.79 -24.93
N ALA B 80 -12.72 7.90 -24.34
CA ALA B 80 -13.14 6.53 -24.09
C ALA B 80 -14.27 6.52 -23.07
N GLU B 81 -15.26 5.67 -23.33
CA GLU B 81 -16.44 5.57 -22.46
C GLU B 81 -16.06 5.10 -21.08
N ALA B 82 -15.04 4.27 -21.01
CA ALA B 82 -14.55 3.76 -19.74
C ALA B 82 -13.29 2.97 -20.00
N CYS B 83 -12.57 2.68 -18.94
CA CYS B 83 -11.29 2.00 -19.05
C CYS B 83 -11.14 0.90 -18.01
N LEU B 84 -11.03 -0.33 -18.48
CA LEU B 84 -10.99 -1.49 -17.62
C LEU B 84 -9.56 -1.87 -17.28
N ILE B 85 -9.34 -2.42 -16.09
CA ILE B 85 -8.04 -2.89 -15.67
C ILE B 85 -8.14 -4.35 -15.28
N ILE B 86 -7.53 -5.21 -16.09
CA ILE B 86 -7.63 -6.65 -15.91
C ILE B 86 -6.42 -7.19 -15.19
N ALA B 87 -6.64 -8.20 -14.35
CA ALA B 87 -5.62 -8.73 -13.46
C ALA B 87 -5.27 -10.18 -13.73
N ASN B 88 -4.33 -10.70 -12.95
CA ASN B 88 -4.05 -12.14 -12.82
C ASN B 88 -3.62 -12.82 -14.10
N PRO B 89 -2.38 -12.59 -14.49
CA PRO B 89 -1.70 -13.56 -15.36
C PRO B 89 -1.16 -14.72 -14.49
N LEU B 90 -2.03 -15.27 -13.63
CA LEU B 90 -1.61 -16.14 -12.52
C LEU B 90 -0.31 -15.63 -11.90
N CYS B 91 -0.35 -14.38 -11.47
CA CYS B 91 0.81 -13.72 -10.88
C CYS B 91 1.42 -14.51 -9.73
N SER B 92 2.72 -14.34 -9.54
CA SER B 92 3.44 -14.97 -8.42
C SER B 92 2.93 -14.40 -7.08
N ASP B 93 2.94 -13.08 -6.97
CA ASP B 93 2.40 -12.41 -5.79
C ASP B 93 1.09 -11.75 -6.20
N SER B 94 0.01 -12.17 -5.56
CA SER B 94 -1.30 -11.56 -5.73
C SER B 94 -1.33 -10.12 -5.20
N HIS B 95 -0.70 -9.92 -4.05
CA HIS B 95 -0.60 -8.59 -3.43
C HIS B 95 0.02 -7.62 -4.42
N ALA B 96 1.17 -7.99 -4.96
CA ALA B 96 1.91 -7.14 -5.89
C ALA B 96 1.12 -6.76 -7.13
N GLU B 97 0.25 -7.64 -7.59
CA GLU B 97 -0.56 -7.38 -8.78
C GLU B 97 -1.49 -6.22 -8.53
N ASP B 98 -2.14 -6.22 -7.37
CA ASP B 98 -3.11 -5.17 -7.05
C ASP B 98 -2.43 -3.80 -6.88
N ILE B 99 -1.44 -3.76 -6.00
CA ILE B 99 -0.61 -2.57 -5.84
C ILE B 99 -0.23 -2.05 -7.21
N SER B 100 0.23 -2.95 -8.06
CA SER B 100 0.59 -2.62 -9.41
C SER B 100 -0.56 -2.00 -10.18
N ASN B 101 -1.72 -2.66 -10.16
CA ASN B 101 -2.88 -2.14 -10.88
C ASN B 101 -3.41 -0.86 -10.27
N ILE B 102 -3.43 -0.77 -8.94
CA ILE B 102 -3.81 0.47 -8.27
C ILE B 102 -2.91 1.61 -8.70
N MET B 103 -1.66 1.27 -9.04
CA MET B 103 -0.73 2.24 -9.56
C MET B 103 -1.16 2.75 -10.91
N ARG B 104 -1.79 1.90 -11.71
CA ARG B 104 -2.28 2.34 -13.00
C ARG B 104 -3.42 3.30 -12.80
N VAL B 105 -4.37 2.97 -11.93
CA VAL B 105 -5.51 3.85 -11.71
C VAL B 105 -5.06 5.27 -11.40
N LEU B 106 -4.00 5.42 -10.60
CA LEU B 106 -3.42 6.72 -10.38
C LEU B 106 -2.96 7.31 -11.69
N SER B 107 -2.10 6.58 -12.41
CA SER B 107 -1.57 7.08 -13.67
C SER B 107 -2.67 7.53 -14.63
N ILE B 108 -3.70 6.71 -14.76
CA ILE B 108 -4.78 6.97 -15.70
C ILE B 108 -5.61 8.16 -15.28
N LYS B 109 -5.95 8.23 -14.00
CA LYS B 109 -6.75 9.35 -13.50
C LYS B 109 -6.00 10.66 -13.63
N ASN B 110 -4.70 10.61 -13.39
CA ASN B 110 -3.83 11.76 -13.57
C ASN B 110 -3.96 12.36 -14.96
N TYR B 111 -4.12 11.51 -15.95
CA TYR B 111 -4.33 11.95 -17.33
C TYR B 111 -5.66 12.69 -17.50
N ASP B 112 -6.78 11.99 -17.31
CA ASP B 112 -8.12 12.58 -17.41
C ASP B 112 -8.95 12.08 -16.24
N SER B 113 -8.94 12.85 -15.16
CA SER B 113 -9.57 12.44 -13.90
C SER B 113 -11.08 12.17 -14.00
N THR B 114 -11.71 12.57 -15.09
CA THR B 114 -13.12 12.27 -15.29
C THR B 114 -13.36 10.91 -15.95
N THR B 115 -12.29 10.21 -16.34
CA THR B 115 -12.45 8.91 -17.01
C THR B 115 -12.99 7.87 -16.05
N ARG B 116 -13.91 7.06 -16.58
CA ARG B 116 -14.54 6.00 -15.81
C ARG B 116 -13.58 4.84 -15.72
N ILE B 117 -13.42 4.26 -14.54
CA ILE B 117 -12.49 3.17 -14.34
C ILE B 117 -13.12 1.94 -13.70
N ILE B 118 -12.80 0.75 -14.23
CA ILE B 118 -13.31 -0.50 -13.72
C ILE B 118 -12.14 -1.41 -13.44
N ILE B 119 -11.67 -1.46 -12.20
CA ILE B 119 -10.47 -2.26 -11.88
C ILE B 119 -10.81 -3.58 -11.22
N GLN B 120 -10.15 -4.65 -11.66
CA GLN B 120 -10.26 -5.93 -10.99
C GLN B 120 -9.24 -6.01 -9.86
N ILE B 121 -9.73 -6.16 -8.64
CA ILE B 121 -8.86 -6.45 -7.52
C ILE B 121 -8.88 -7.95 -7.32
N LEU B 122 -7.70 -8.51 -7.05
CA LEU B 122 -7.53 -9.95 -6.83
C LEU B 122 -7.88 -10.32 -5.41
N GLN B 123 -7.43 -9.54 -4.43
CA GLN B 123 -7.78 -9.84 -3.05
C GLN B 123 -8.45 -8.65 -2.34
N SER B 124 -9.63 -8.91 -1.80
CA SER B 124 -10.58 -7.86 -1.38
C SER B 124 -9.94 -6.73 -0.61
N HIS B 125 -9.22 -7.04 0.46
CA HIS B 125 -8.76 -5.97 1.35
C HIS B 125 -8.01 -4.89 0.65
N ASN B 126 -7.50 -5.18 -0.54
CA ASN B 126 -6.86 -4.16 -1.38
C ASN B 126 -7.82 -3.20 -2.08
N LYS B 127 -9.14 -3.39 -1.95
CA LYS B 127 -10.07 -2.41 -2.53
C LYS B 127 -9.99 -1.08 -1.81
N VAL B 128 -9.78 -1.16 -0.50
CA VAL B 128 -9.79 -0.01 0.39
C VAL B 128 -9.08 1.21 -0.18
N TYR B 129 -7.98 0.97 -0.89
CA TYR B 129 -7.15 2.07 -1.34
C TYR B 129 -7.85 2.89 -2.40
N LEU B 130 -8.61 2.23 -3.26
CA LEU B 130 -9.12 2.89 -4.46
C LEU B 130 -9.96 4.15 -4.19
N PRO B 131 -10.84 4.10 -3.19
CA PRO B 131 -11.54 5.31 -2.79
C PRO B 131 -10.61 6.41 -2.28
N LYS B 132 -9.54 6.03 -1.57
CA LYS B 132 -8.64 7.01 -0.98
C LYS B 132 -7.93 7.87 -2.03
N ILE B 133 -7.94 7.42 -3.27
CA ILE B 133 -7.57 8.28 -4.38
C ILE B 133 -8.61 9.40 -4.43
N PRO B 134 -8.14 10.66 -4.47
CA PRO B 134 -9.08 11.76 -4.54
C PRO B 134 -9.84 11.78 -5.87
N SER B 135 -9.10 11.62 -6.95
CA SER B 135 -9.61 11.76 -8.32
C SER B 135 -10.77 10.82 -8.60
N TRP B 136 -10.86 9.76 -7.78
CA TRP B 136 -11.83 8.67 -7.95
C TRP B 136 -13.08 9.00 -7.26
N ASN B 137 -14.20 8.83 -7.96
CA ASN B 137 -15.52 8.93 -7.34
C ASN B 137 -16.55 8.01 -7.99
N TRP B 138 -17.43 7.47 -7.15
CA TRP B 138 -18.35 6.42 -7.56
C TRP B 138 -19.38 6.93 -8.51
N ASP B 139 -19.74 8.21 -8.35
CA ASP B 139 -20.87 8.79 -9.05
C ASP B 139 -20.64 8.90 -10.55
N THR B 140 -19.42 9.25 -10.95
CA THR B 140 -19.08 9.29 -12.38
C THR B 140 -19.08 7.89 -13.01
N GLY B 141 -18.99 6.86 -12.17
CA GLY B 141 -19.11 5.47 -12.61
C GLY B 141 -17.99 4.53 -12.18
N ASP B 142 -16.90 5.09 -11.65
CA ASP B 142 -15.75 4.30 -11.19
C ASP B 142 -16.20 3.10 -10.35
N ASN B 143 -15.53 1.97 -10.52
CA ASN B 143 -16.02 0.72 -9.95
C ASN B 143 -14.93 -0.34 -9.79
N ILE B 144 -15.10 -1.27 -8.84
CA ILE B 144 -14.13 -2.34 -8.64
C ILE B 144 -14.79 -3.70 -8.51
N ILE B 145 -14.22 -4.70 -9.20
CA ILE B 145 -14.73 -6.06 -9.18
C ILE B 145 -13.78 -6.99 -8.46
N CYS B 146 -14.31 -7.86 -7.59
CA CYS B 146 -13.47 -8.86 -6.94
C CYS B 146 -14.13 -10.24 -6.96
N PHE B 147 -13.82 -11.03 -8.00
CA PHE B 147 -14.42 -12.37 -8.13
C PHE B 147 -14.30 -13.21 -6.87
N ALA B 148 -13.12 -13.24 -6.26
CA ALA B 148 -12.92 -13.98 -5.01
C ALA B 148 -13.99 -13.62 -4.00
N GLU B 149 -14.25 -12.32 -3.88
CA GLU B 149 -15.25 -11.78 -2.94
C GLU B 149 -16.68 -12.23 -3.25
N LEU B 150 -17.01 -12.33 -4.54
CA LEU B 150 -18.34 -12.70 -4.98
C LEU B 150 -18.54 -14.20 -5.03
N LYS B 151 -17.56 -14.94 -5.52
CA LYS B 151 -17.69 -16.39 -5.62
C LYS B 151 -17.84 -17.00 -4.22
N LEU B 152 -17.07 -16.51 -3.26
CA LEU B 152 -17.23 -16.96 -1.87
C LEU B 152 -18.52 -16.46 -1.24
N GLY B 153 -19.04 -15.34 -1.72
CA GLY B 153 -20.28 -14.81 -1.20
C GLY B 153 -21.44 -15.74 -1.45
N PHE B 154 -21.65 -16.09 -2.72
CA PHE B 154 -22.74 -17.01 -3.07
C PHE B 154 -22.77 -18.23 -2.17
N ILE B 155 -21.59 -18.82 -2.01
CA ILE B 155 -21.41 -19.99 -1.16
C ILE B 155 -21.84 -19.69 0.28
N ALA B 156 -21.32 -18.60 0.85
CA ALA B 156 -21.71 -18.19 2.19
C ALA B 156 -23.21 -18.24 2.35
N GLN B 157 -23.94 -17.53 1.50
CA GLN B 157 -25.39 -17.45 1.58
C GLN B 157 -26.03 -18.83 1.57
N GLY B 158 -25.50 -19.73 0.75
CA GLY B 158 -25.97 -21.11 0.73
C GLY B 158 -25.83 -21.78 2.08
N CYS B 159 -24.81 -21.41 2.84
CA CYS B 159 -24.61 -21.94 4.18
C CYS B 159 -25.54 -21.33 5.21
N LEU B 160 -25.89 -20.05 5.02
CA LEU B 160 -26.88 -19.40 5.87
C LEU B 160 -28.25 -20.03 5.66
N VAL B 161 -28.69 -20.03 4.40
CA VAL B 161 -30.04 -20.40 4.05
C VAL B 161 -30.03 -21.47 2.99
N PRO B 162 -30.49 -22.68 3.32
CA PRO B 162 -30.55 -23.77 2.35
C PRO B 162 -31.17 -23.35 1.02
N GLY B 163 -30.45 -23.57 -0.09
CA GLY B 163 -30.95 -23.27 -1.42
C GLY B 163 -30.67 -21.86 -1.89
N LEU B 164 -30.45 -20.94 -0.97
CA LEU B 164 -30.32 -19.52 -1.30
C LEU B 164 -29.28 -19.29 -2.38
N CYS B 165 -28.20 -20.08 -2.35
CA CYS B 165 -27.12 -19.93 -3.32
C CYS B 165 -27.59 -20.05 -4.76
N THR B 166 -28.25 -21.16 -5.08
CA THR B 166 -28.74 -21.39 -6.45
C THR B 166 -29.84 -20.41 -6.80
N PHE B 167 -30.68 -20.09 -5.84
CA PHE B 167 -31.66 -19.06 -6.06
C PHE B 167 -30.89 -17.86 -6.62
N LEU B 168 -30.01 -17.30 -5.80
CA LEU B 168 -29.28 -16.11 -6.22
C LEU B 168 -28.65 -16.27 -7.60
N THR B 169 -28.12 -17.44 -7.88
CA THR B 169 -27.41 -17.65 -9.13
C THR B 169 -28.34 -17.53 -10.33
N SER B 170 -29.52 -18.14 -10.25
CA SER B 170 -30.43 -18.20 -11.39
C SER B 170 -30.86 -16.82 -11.90
N LEU B 171 -30.79 -15.84 -11.01
CA LEU B 171 -31.07 -14.46 -11.36
C LEU B 171 -30.00 -13.92 -12.31
N PHE B 172 -28.83 -14.56 -12.33
CA PHE B 172 -27.75 -14.11 -13.19
C PHE B 172 -27.40 -15.11 -14.29
N VAL B 173 -27.61 -16.39 -14.02
CA VAL B 173 -27.50 -17.40 -15.07
C VAL B 173 -28.53 -17.08 -16.16
N GLU B 174 -28.17 -17.45 -17.39
CA GLU B 174 -29.10 -17.37 -18.51
C GLU B 174 -29.16 -18.70 -19.25
N GLN B 175 -30.21 -19.47 -18.98
CA GLN B 175 -30.49 -20.67 -19.76
C GLN B 175 -30.59 -20.30 -21.25
N ASN B 176 -30.21 -21.23 -22.11
CA ASN B 176 -30.29 -21.02 -23.56
C ASN B 176 -31.68 -21.38 -24.10
N LYS B 177 -32.49 -22.01 -23.25
CA LYS B 177 -33.92 -22.23 -23.51
C LYS B 177 -34.19 -23.14 -24.73
N LYS B 178 -33.30 -24.10 -24.95
CA LYS B 178 -33.49 -25.12 -25.99
C LYS B 178 -34.03 -26.45 -25.42
N VAL B 179 -33.85 -26.66 -24.11
CA VAL B 179 -34.11 -27.96 -23.48
C VAL B 179 -35.57 -28.26 -23.16
N MET B 180 -36.19 -29.15 -23.94
CA MET B 180 -37.58 -29.60 -23.70
C MET B 180 -37.62 -30.60 -22.53
N PRO B 181 -38.29 -30.24 -21.41
CA PRO B 181 -38.16 -31.00 -20.17
C PRO B 181 -38.99 -32.29 -20.15
N LYS B 182 -38.52 -33.27 -19.36
CA LYS B 182 -39.20 -34.55 -19.24
C LYS B 182 -40.40 -34.46 -18.28
N GLN B 183 -40.14 -33.91 -17.10
CA GLN B 183 -41.06 -34.00 -15.95
C GLN B 183 -41.63 -32.63 -15.56
N THR B 184 -42.78 -32.66 -14.89
CA THR B 184 -43.48 -31.44 -14.47
C THR B 184 -42.61 -30.54 -13.60
N TRP B 185 -41.96 -31.11 -12.60
CA TRP B 185 -41.15 -30.32 -11.68
C TRP B 185 -39.98 -29.67 -12.37
N LYS B 186 -39.39 -30.34 -13.34
CA LYS B 186 -38.27 -29.77 -14.09
C LYS B 186 -38.76 -28.71 -15.09
N LYS B 187 -40.01 -28.83 -15.50
CA LYS B 187 -40.65 -27.79 -16.31
C LYS B 187 -40.73 -26.47 -15.54
N HIS B 188 -41.06 -26.56 -14.25
CA HIS B 188 -41.12 -25.40 -13.36
C HIS B 188 -39.76 -24.80 -13.18
N PHE B 189 -38.79 -25.63 -12.84
CA PHE B 189 -37.48 -25.11 -12.50
C PHE B 189 -36.90 -24.27 -13.61
N LEU B 190 -36.93 -24.79 -14.84
CA LEU B 190 -36.23 -24.13 -15.95
C LEU B 190 -36.86 -22.79 -16.30
N ASN B 191 -38.19 -22.72 -16.36
CA ASN B 191 -38.84 -21.48 -16.73
C ASN B 191 -38.75 -20.39 -15.63
N SER B 192 -38.50 -20.82 -14.40
CA SER B 192 -38.25 -19.88 -13.30
C SER B 192 -36.89 -19.21 -13.48
N MET B 193 -35.99 -19.91 -14.17
CA MET B 193 -34.64 -19.42 -14.42
C MET B 193 -34.62 -18.24 -15.38
N LYS B 194 -35.68 -18.14 -16.19
CA LYS B 194 -35.89 -17.01 -17.11
C LYS B 194 -35.82 -15.69 -16.37
N ASN B 195 -36.14 -15.72 -15.07
CA ASN B 195 -36.06 -14.53 -14.22
C ASN B 195 -34.65 -13.99 -14.05
N LYS B 196 -34.52 -12.70 -14.33
CA LYS B 196 -33.27 -11.98 -14.23
C LYS B 196 -33.49 -10.92 -13.19
N ILE B 197 -32.50 -10.06 -12.99
CA ILE B 197 -32.69 -8.82 -12.24
C ILE B 197 -32.52 -7.66 -13.20
N LEU B 198 -33.66 -7.17 -13.71
CA LEU B 198 -33.67 -5.97 -14.52
C LEU B 198 -33.79 -4.75 -13.61
N THR B 199 -33.29 -3.62 -14.10
CA THR B 199 -33.34 -2.36 -13.37
C THR B 199 -34.13 -1.32 -14.15
N GLN B 200 -34.84 -0.44 -13.42
CA GLN B 200 -35.71 0.56 -14.05
C GLN B 200 -36.03 1.68 -13.07
N ARG B 201 -36.09 2.91 -13.56
CA ARG B 201 -36.53 4.03 -12.72
C ARG B 201 -38.05 4.12 -12.76
N LEU B 202 -38.62 4.53 -11.63
CA LEU B 202 -40.05 4.41 -11.41
C LEU B 202 -40.80 5.67 -11.85
N SER B 203 -42.08 5.51 -12.17
CA SER B 203 -42.92 6.63 -12.62
C SER B 203 -42.99 7.75 -11.58
N ASP B 204 -43.36 8.94 -12.05
CA ASP B 204 -43.47 10.10 -11.17
C ASP B 204 -44.66 9.99 -10.23
N ASP B 205 -45.79 9.48 -10.73
CA ASP B 205 -47.03 9.35 -9.95
C ASP B 205 -46.89 8.39 -8.76
N PHE B 206 -45.73 7.76 -8.63
CA PHE B 206 -45.40 6.96 -7.45
C PHE B 206 -44.97 7.80 -6.26
N ALA B 207 -44.36 8.95 -6.52
CA ALA B 207 -43.73 9.76 -5.47
C ALA B 207 -44.63 9.91 -4.25
N GLY B 208 -44.05 9.71 -3.06
CA GLY B 208 -44.78 9.82 -1.80
C GLY B 208 -45.38 8.52 -1.28
N MET B 209 -45.46 7.50 -2.12
CA MET B 209 -46.01 6.22 -1.71
C MET B 209 -44.96 5.47 -0.91
N SER B 210 -45.39 4.78 0.15
CA SER B 210 -44.49 3.95 0.90
C SER B 210 -44.09 2.75 0.05
N PHE B 211 -42.95 2.16 0.34
CA PHE B 211 -42.44 1.06 -0.48
C PHE B 211 -43.49 -0.05 -0.63
N PRO B 212 -43.95 -0.62 0.48
CA PRO B 212 -44.91 -1.73 0.38
C PRO B 212 -46.15 -1.38 -0.43
N GLU B 213 -46.59 -0.13 -0.33
CA GLU B 213 -47.68 0.36 -1.14
C GLU B 213 -47.33 0.24 -2.61
N VAL B 214 -46.10 0.59 -2.96
CA VAL B 214 -45.66 0.56 -4.34
C VAL B 214 -45.45 -0.87 -4.80
N ALA B 215 -44.69 -1.62 -4.01
CA ALA B 215 -44.43 -3.03 -4.30
C ALA B 215 -45.70 -3.74 -4.75
N ARG B 216 -46.79 -3.48 -4.01
CA ARG B 216 -48.10 -4.07 -4.32
C ARG B 216 -48.55 -3.79 -5.76
N LEU B 217 -48.69 -2.52 -6.09
CA LEU B 217 -49.23 -2.12 -7.40
C LEU B 217 -48.49 -2.79 -8.56
N CYS B 218 -47.17 -2.77 -8.48
CA CYS B 218 -46.33 -3.35 -9.50
C CYS B 218 -46.60 -4.83 -9.63
N PHE B 219 -46.75 -5.49 -8.49
CA PHE B 219 -47.06 -6.92 -8.48
C PHE B 219 -48.43 -7.20 -9.06
N LEU B 220 -49.43 -6.42 -8.64
CA LEU B 220 -50.83 -6.71 -9.01
C LEU B 220 -51.20 -6.14 -10.37
N LYS B 221 -50.86 -4.87 -10.59
CA LYS B 221 -51.19 -4.21 -11.84
C LYS B 221 -50.29 -4.67 -12.98
N MET B 222 -48.99 -4.80 -12.70
CA MET B 222 -48.00 -5.08 -13.74
C MET B 222 -47.39 -6.49 -13.69
N HIS B 223 -47.70 -7.27 -12.66
CA HIS B 223 -47.06 -8.57 -12.45
C HIS B 223 -45.54 -8.46 -12.39
N LEU B 224 -45.05 -7.39 -11.78
CA LEU B 224 -43.62 -7.17 -11.60
C LEU B 224 -43.26 -7.28 -10.13
N LEU B 225 -42.33 -8.17 -9.82
CA LEU B 225 -41.84 -8.31 -8.47
C LEU B 225 -40.68 -7.36 -8.23
N LEU B 226 -40.96 -6.25 -7.56
CA LEU B 226 -39.94 -5.26 -7.21
C LEU B 226 -39.43 -5.53 -5.81
N ILE B 227 -38.12 -5.39 -5.59
CA ILE B 227 -37.51 -5.84 -4.32
C ILE B 227 -36.58 -4.85 -3.59
N ALA B 228 -36.05 -3.85 -4.29
CA ALA B 228 -35.25 -2.81 -3.63
C ALA B 228 -35.19 -1.54 -4.46
N ILE B 229 -34.69 -0.45 -3.85
CA ILE B 229 -34.57 0.82 -4.56
C ILE B 229 -33.34 1.66 -4.20
N GLU B 230 -33.03 2.61 -5.09
CA GLU B 230 -31.97 3.60 -4.88
C GLU B 230 -32.49 5.03 -5.03
N TYR B 231 -31.74 5.98 -4.47
CA TYR B 231 -32.10 7.40 -4.54
C TYR B 231 -31.20 8.19 -5.50
N PHE B 239 -27.26 8.39 -7.77
CA PHE B 239 -27.98 7.43 -6.93
C PHE B 239 -27.16 7.02 -5.70
N CYS B 240 -27.66 7.33 -4.50
CA CYS B 240 -26.81 7.36 -3.29
C CYS B 240 -27.02 6.26 -2.25
N GLY B 241 -28.21 5.66 -2.20
CA GLY B 241 -28.48 4.69 -1.13
C GLY B 241 -29.38 3.56 -1.56
N LEU B 242 -28.83 2.34 -1.56
CA LEU B 242 -29.57 1.15 -1.96
C LEU B 242 -30.13 0.42 -0.74
N ILE B 243 -31.39 0.00 -0.80
CA ILE B 243 -32.06 -0.62 0.34
C ILE B 243 -32.97 -1.77 -0.11
N LEU B 244 -32.86 -2.89 0.58
CA LEU B 244 -33.68 -4.06 0.27
C LEU B 244 -34.92 -4.12 1.17
N ASN B 245 -36.09 -4.23 0.54
CA ASN B 245 -37.37 -4.28 1.23
C ASN B 245 -37.54 -3.20 2.31
N PRO B 246 -37.59 -1.93 1.88
CA PRO B 246 -37.71 -0.82 2.82
C PRO B 246 -38.95 -0.92 3.70
N PRO B 247 -38.82 -0.57 4.98
CA PRO B 247 -39.99 -0.52 5.88
C PRO B 247 -40.99 0.57 5.48
N PRO B 248 -42.11 0.65 6.21
CA PRO B 248 -43.09 1.70 5.96
C PRO B 248 -42.50 3.12 5.93
N GLN B 249 -41.81 3.51 7.00
CA GLN B 249 -41.31 4.90 7.15
C GLN B 249 -40.63 5.49 5.92
N VAL B 250 -40.02 4.66 5.08
CA VAL B 250 -39.33 5.15 3.87
C VAL B 250 -40.29 5.25 2.69
N ARG B 251 -40.50 6.47 2.20
CA ARG B 251 -41.35 6.73 1.04
C ARG B 251 -40.51 6.88 -0.23
N ILE B 252 -41.12 6.62 -1.37
CA ILE B 252 -40.44 6.73 -2.66
C ILE B 252 -40.36 8.19 -3.04
N ARG B 253 -39.31 8.57 -3.77
CA ARG B 253 -39.17 9.91 -4.30
C ARG B 253 -39.33 9.92 -5.82
N LYS B 254 -39.29 11.11 -6.42
CA LYS B 254 -39.26 11.25 -7.87
C LYS B 254 -37.89 10.82 -8.36
N ASN B 255 -37.84 10.29 -9.58
CA ASN B 255 -36.61 9.78 -10.18
C ASN B 255 -35.91 8.70 -9.36
N THR B 256 -36.70 7.90 -8.64
CA THR B 256 -36.14 6.78 -7.87
C THR B 256 -35.97 5.56 -8.75
N LEU B 257 -34.84 4.87 -8.58
CA LEU B 257 -34.53 3.67 -9.34
C LEU B 257 -35.00 2.45 -8.57
N GLY B 258 -35.71 1.56 -9.24
CA GLY B 258 -36.23 0.34 -8.62
C GLY B 258 -35.49 -0.89 -9.08
N PHE B 259 -35.54 -1.94 -8.27
CA PHE B 259 -34.86 -3.21 -8.59
C PHE B 259 -35.86 -4.34 -8.60
N PHE B 260 -35.89 -5.04 -9.74
CA PHE B 260 -36.99 -5.93 -10.05
C PHE B 260 -36.55 -7.37 -10.20
N ILE B 261 -37.51 -8.22 -10.54
CA ILE B 261 -37.22 -9.58 -10.94
C ILE B 261 -38.17 -9.89 -12.08
N ALA B 262 -37.66 -10.07 -13.28
CA ALA B 262 -38.54 -10.23 -14.45
C ALA B 262 -37.84 -10.80 -15.67
N GLU B 263 -38.63 -11.38 -16.58
CA GLU B 263 -38.13 -11.98 -17.82
C GLU B 263 -37.38 -10.97 -18.70
N THR B 264 -38.10 -9.97 -19.20
CA THR B 264 -37.55 -9.02 -20.17
C THR B 264 -37.69 -7.58 -19.67
N PRO B 265 -36.89 -6.66 -20.22
CA PRO B 265 -36.96 -5.27 -19.77
C PRO B 265 -38.19 -4.53 -20.27
N LYS B 266 -38.87 -5.06 -21.29
CA LYS B 266 -40.16 -4.51 -21.67
C LYS B 266 -41.11 -4.55 -20.47
N ASP B 267 -41.24 -5.73 -19.88
CA ASP B 267 -42.14 -5.95 -18.73
C ASP B 267 -41.87 -4.96 -17.61
N VAL B 268 -40.60 -4.71 -17.34
CA VAL B 268 -40.21 -3.82 -16.25
C VAL B 268 -40.46 -2.36 -16.60
N ARG B 269 -40.40 -2.04 -17.89
CA ARG B 269 -40.65 -0.67 -18.34
C ARG B 269 -42.08 -0.22 -18.04
N ARG B 270 -43.02 -1.17 -18.01
CA ARG B 270 -44.40 -0.87 -17.63
C ARG B 270 -44.50 -0.07 -16.33
N ALA B 271 -43.55 -0.31 -15.41
CA ALA B 271 -43.48 0.44 -14.14
C ALA B 271 -42.81 1.80 -14.29
N LEU B 272 -42.68 2.30 -15.51
CA LEU B 272 -42.23 3.66 -15.75
C LEU B 272 -43.42 4.56 -16.11
N PHE B 273 -44.65 4.08 -15.94
CA PHE B 273 -45.85 4.79 -16.40
C PHE B 273 -46.96 4.93 -15.34
N ASP B 353 -25.12 -5.42 22.19
CA ASP B 353 -24.39 -6.40 21.36
C ASP B 353 -23.22 -5.75 20.58
N GLN B 354 -22.27 -6.57 20.17
CA GLN B 354 -20.93 -6.11 19.77
C GLN B 354 -20.66 -6.15 18.25
N LEU B 355 -20.61 -4.97 17.63
CA LEU B 355 -20.32 -4.81 16.19
C LEU B 355 -18.97 -4.18 15.96
N ASP B 356 -18.59 -4.05 14.69
CA ASP B 356 -17.36 -3.37 14.30
C ASP B 356 -17.57 -1.88 14.24
N SER B 357 -16.58 -1.15 13.76
CA SER B 357 -16.68 0.30 13.58
C SER B 357 -17.80 0.70 12.61
N SER B 358 -17.81 0.07 11.43
CA SER B 358 -18.79 0.41 10.39
C SER B 358 -20.19 -0.15 10.67
N GLY B 359 -20.33 -0.98 11.70
CA GLY B 359 -21.62 -1.51 12.13
C GLY B 359 -22.25 -2.46 11.13
N MET B 360 -21.38 -3.16 10.39
CA MET B 360 -21.80 -4.04 9.31
C MET B 360 -21.66 -5.51 9.65
N PHE B 361 -20.80 -5.83 10.62
CA PHE B 361 -20.56 -7.20 11.00
C PHE B 361 -20.06 -7.31 12.44
N HIS B 362 -20.30 -8.44 13.08
CA HIS B 362 -19.85 -8.69 14.46
C HIS B 362 -18.36 -8.69 14.55
N TRP B 363 -17.84 -8.20 15.67
CA TRP B 363 -16.42 -7.93 15.80
C TRP B 363 -15.89 -8.43 17.12
N CYS B 364 -14.58 -8.58 17.22
CA CYS B 364 -13.93 -8.93 18.50
C CYS B 364 -12.43 -8.69 18.48
N LYS B 365 -11.86 -8.54 19.68
CA LYS B 365 -10.45 -8.26 19.86
C LYS B 365 -9.64 -9.38 19.23
N PRO B 366 -8.68 -9.02 18.36
CA PRO B 366 -7.97 -9.99 17.52
C PRO B 366 -7.23 -11.03 18.34
N THR B 367 -7.83 -12.20 18.47
CA THR B 367 -7.23 -13.31 19.22
C THR B 367 -6.34 -14.15 18.32
N SER B 368 -5.25 -14.66 18.90
CA SER B 368 -4.24 -15.37 18.12
C SER B 368 -4.71 -16.77 17.76
N LEU B 369 -4.02 -17.35 16.79
CA LEU B 369 -4.41 -18.63 16.21
C LEU B 369 -4.25 -19.76 17.20
N ASP B 370 -3.27 -19.63 18.08
CA ASP B 370 -2.99 -20.68 19.03
C ASP B 370 -4.25 -21.05 19.82
N LYS B 371 -5.02 -20.06 20.23
CA LYS B 371 -6.23 -20.31 21.02
C LYS B 371 -7.28 -20.95 20.15
N VAL B 372 -7.47 -20.38 18.98
CA VAL B 372 -8.54 -20.79 18.06
C VAL B 372 -8.29 -22.16 17.43
N THR B 373 -7.02 -22.61 17.40
CA THR B 373 -6.67 -23.88 16.76
C THR B 373 -7.01 -25.11 17.62
N LEU B 374 -7.89 -25.96 17.08
CA LEU B 374 -8.39 -27.11 17.80
C LEU B 374 -7.30 -28.15 17.99
N LYS B 375 -7.18 -28.69 19.20
CA LYS B 375 -6.26 -29.81 19.47
C LYS B 375 -6.88 -31.10 18.93
N ARG B 376 -6.03 -32.02 18.47
CA ARG B 376 -6.48 -33.28 17.89
C ARG B 376 -6.21 -34.47 18.80
N THR B 377 -5.28 -34.32 19.74
CA THR B 377 -4.93 -35.38 20.68
C THR B 377 -5.69 -35.21 22.01
N GLY B 378 -5.72 -36.29 22.80
CA GLY B 378 -6.39 -36.28 24.11
C GLY B 378 -7.70 -37.03 24.09
N TYR B 382 -15.40 -31.76 23.33
CA TYR B 382 -15.23 -32.07 21.92
C TYR B 382 -16.28 -31.43 20.99
N LYS B 383 -17.54 -31.47 21.41
CA LYS B 383 -18.71 -31.31 20.52
C LYS B 383 -19.03 -29.91 19.94
N PHE B 384 -19.45 -29.92 18.67
CA PHE B 384 -20.04 -28.76 17.96
C PHE B 384 -21.44 -29.14 17.47
N ARG B 385 -22.31 -28.15 17.33
CA ARG B 385 -23.69 -28.39 16.89
C ARG B 385 -24.16 -27.33 15.91
N ASN B 386 -24.99 -27.74 14.94
CA ASN B 386 -25.60 -26.83 13.98
C ASN B 386 -24.63 -25.76 13.46
N HIS B 387 -23.45 -26.21 13.07
CA HIS B 387 -22.35 -25.33 12.68
C HIS B 387 -21.99 -25.55 11.26
N ILE B 388 -21.16 -24.67 10.72
CA ILE B 388 -20.71 -24.75 9.34
C ILE B 388 -19.29 -25.27 9.26
N VAL B 389 -19.11 -26.39 8.58
CA VAL B 389 -17.78 -26.92 8.32
C VAL B 389 -17.35 -26.49 6.93
N ALA B 390 -16.23 -25.78 6.86
CA ALA B 390 -15.65 -25.36 5.61
C ALA B 390 -14.36 -26.14 5.41
N CYS B 391 -14.28 -26.90 4.32
CA CYS B 391 -13.05 -27.61 3.99
C CYS B 391 -12.27 -26.77 3.01
N VAL B 392 -11.01 -26.51 3.31
CA VAL B 392 -10.17 -25.74 2.39
C VAL B 392 -8.91 -26.53 2.08
N PHE B 393 -8.37 -26.31 0.89
CA PHE B 393 -7.16 -27.03 0.45
C PHE B 393 -6.01 -26.08 0.19
N GLY B 394 -4.85 -26.38 0.73
CA GLY B 394 -3.66 -25.58 0.43
C GLY B 394 -2.38 -26.04 1.08
N ASP B 395 -1.38 -25.16 1.06
CA ASP B 395 -0.07 -25.40 1.68
C ASP B 395 0.75 -24.10 1.63
N ALA B 396 1.98 -24.15 2.13
CA ALA B 396 2.93 -23.04 1.94
C ALA B 396 2.98 -22.56 0.48
N HIS B 397 2.90 -23.50 -0.46
CA HIS B 397 3.02 -23.20 -1.90
C HIS B 397 1.74 -22.76 -2.56
N SER B 398 0.61 -22.87 -1.86
CA SER B 398 -0.68 -22.58 -2.47
C SER B 398 -0.97 -21.10 -2.44
N ALA B 399 -1.63 -20.60 -3.48
CA ALA B 399 -2.05 -19.21 -3.53
C ALA B 399 -3.15 -19.01 -2.50
N PRO B 400 -3.34 -17.77 -2.03
CA PRO B 400 -4.35 -17.54 -1.02
C PRO B 400 -5.75 -17.47 -1.62
N MET B 401 -6.74 -18.01 -0.91
CA MET B 401 -8.15 -17.78 -1.24
C MET B 401 -8.71 -16.85 -0.19
N GLY B 402 -9.38 -15.80 -0.60
CA GLY B 402 -9.79 -14.77 0.36
C GLY B 402 -10.87 -15.29 1.28
N LEU B 403 -10.47 -15.82 2.44
CA LEU B 403 -11.43 -16.47 3.34
C LEU B 403 -12.26 -15.46 4.10
N ARG B 404 -11.73 -14.25 4.27
CA ARG B 404 -12.51 -13.12 4.77
C ARG B 404 -13.86 -13.12 4.05
N ASN B 405 -13.81 -13.10 2.72
CA ASN B 405 -15.02 -13.04 1.92
C ASN B 405 -16.07 -14.10 2.25
N PHE B 406 -15.66 -15.19 2.89
CA PHE B 406 -16.56 -16.28 3.22
C PHE B 406 -17.11 -16.16 4.63
N VAL B 407 -16.29 -15.69 5.55
CA VAL B 407 -16.74 -15.45 6.93
C VAL B 407 -17.67 -14.25 6.94
N MET B 408 -17.17 -13.11 6.48
CA MET B 408 -17.89 -11.84 6.54
C MET B 408 -19.43 -11.93 6.33
N PRO B 409 -19.90 -12.53 5.24
CA PRO B 409 -21.36 -12.62 5.09
C PRO B 409 -22.06 -13.48 6.15
N LEU B 410 -21.39 -14.52 6.63
CA LEU B 410 -21.89 -15.34 7.72
C LEU B 410 -21.72 -14.64 9.07
N ARG B 411 -21.28 -13.39 9.05
CA ARG B 411 -21.05 -12.63 10.26
C ARG B 411 -21.65 -11.23 10.13
N ALA B 412 -22.78 -11.12 9.42
CA ALA B 412 -23.42 -9.82 9.20
C ALA B 412 -23.98 -9.28 10.51
N SER B 413 -24.05 -7.95 10.63
CA SER B 413 -24.54 -7.32 11.84
C SER B 413 -26.05 -7.50 12.03
N ASN B 414 -26.78 -7.68 10.94
CA ASN B 414 -28.24 -7.85 11.03
C ASN B 414 -28.66 -9.26 11.43
N TYR B 415 -27.68 -10.14 11.64
CA TYR B 415 -27.89 -11.33 12.44
C TYR B 415 -27.52 -10.96 13.86
N THR B 416 -27.76 -11.87 14.78
CA THR B 416 -27.56 -11.60 16.20
C THR B 416 -26.65 -12.65 16.83
N ARG B 417 -25.78 -12.21 17.74
CA ARG B 417 -24.87 -13.11 18.46
C ARG B 417 -25.55 -14.45 18.78
N LYS B 418 -26.79 -14.39 19.25
CA LYS B 418 -27.57 -15.60 19.52
C LYS B 418 -27.58 -16.56 18.32
N GLU B 419 -27.96 -16.05 17.14
CA GLU B 419 -28.21 -16.91 15.97
C GLU B 419 -27.01 -17.09 15.04
N LEU B 420 -25.83 -16.59 15.42
CA LEU B 420 -24.58 -16.82 14.65
C LEU B 420 -24.11 -18.27 14.75
N LYS B 421 -23.52 -18.77 13.67
CA LYS B 421 -23.02 -20.14 13.61
C LYS B 421 -21.51 -20.24 13.78
N ASP B 422 -21.06 -21.32 14.39
CA ASP B 422 -19.62 -21.58 14.53
C ASP B 422 -19.08 -22.02 13.18
N ILE B 423 -17.86 -21.60 12.87
CA ILE B 423 -17.23 -21.95 11.60
C ILE B 423 -15.94 -22.71 11.81
N VAL B 424 -15.98 -24.02 11.61
CA VAL B 424 -14.78 -24.84 11.72
C VAL B 424 -14.18 -24.99 10.34
N PHE B 425 -12.93 -24.56 10.18
CA PHE B 425 -12.18 -24.78 8.96
C PHE B 425 -11.37 -26.05 9.13
N ILE B 426 -11.46 -26.96 8.18
CA ILE B 426 -10.60 -28.12 8.17
C ILE B 426 -9.55 -27.94 7.10
N GLY B 427 -8.27 -27.88 7.48
CA GLY B 427 -7.24 -27.65 6.48
C GLY B 427 -5.83 -27.53 7.00
N SER B 428 -4.89 -27.32 6.09
CA SER B 428 -3.49 -27.13 6.42
C SER B 428 -3.32 -25.90 7.27
N LEU B 429 -2.79 -26.06 8.48
CA LEU B 429 -2.56 -24.92 9.35
C LEU B 429 -1.62 -23.91 8.70
N ASP B 430 -0.56 -24.43 8.09
CA ASP B 430 0.39 -23.60 7.35
C ASP B 430 -0.29 -22.73 6.30
N TYR B 431 -1.27 -23.29 5.61
CA TYR B 431 -2.03 -22.50 4.65
C TYR B 431 -2.94 -21.53 5.36
N LEU B 432 -3.61 -22.00 6.39
CA LEU B 432 -4.65 -21.21 7.07
C LEU B 432 -4.09 -20.12 7.95
N GLN B 433 -2.88 -20.31 8.47
CA GLN B 433 -2.27 -19.28 9.29
C GLN B 433 -1.90 -18.07 8.44
N ARG B 434 -1.72 -18.28 7.14
CA ARG B 434 -1.43 -17.17 6.23
C ARG B 434 -2.66 -16.27 5.99
N GLU B 435 -3.87 -16.84 6.14
CA GLU B 435 -5.12 -16.07 6.03
C GLU B 435 -5.54 -15.42 7.34
N TRP B 436 -5.03 -15.95 8.45
CA TRP B 436 -5.52 -15.59 9.77
C TRP B 436 -5.49 -14.13 10.09
N ARG B 437 -4.47 -13.42 9.59
CA ARG B 437 -4.41 -11.96 9.74
C ARG B 437 -5.75 -11.32 9.39
N PHE B 438 -6.38 -11.77 8.32
CA PHE B 438 -7.61 -11.15 7.83
C PHE B 438 -8.89 -11.76 8.41
N LEU B 439 -8.77 -12.82 9.21
CA LEU B 439 -9.92 -13.41 9.89
C LEU B 439 -9.90 -13.14 11.39
N TRP B 440 -8.93 -12.36 11.86
CA TRP B 440 -8.75 -12.08 13.28
C TRP B 440 -9.98 -11.77 14.05
N ASN B 441 -10.73 -10.81 13.52
CA ASN B 441 -11.71 -10.08 14.30
C ASN B 441 -13.12 -10.66 14.22
N PHE B 442 -13.24 -11.80 13.55
CA PHE B 442 -14.51 -12.51 13.54
C PHE B 442 -14.55 -13.50 14.69
N PRO B 443 -15.72 -13.63 15.33
CA PRO B 443 -15.92 -14.54 16.45
C PRO B 443 -16.39 -15.94 16.05
N GLN B 444 -16.25 -16.88 16.98
CA GLN B 444 -16.71 -18.26 16.78
C GLN B 444 -16.15 -18.92 15.52
N ILE B 445 -14.90 -18.58 15.20
CA ILE B 445 -14.15 -19.21 14.13
C ILE B 445 -13.11 -20.13 14.74
N TYR B 446 -13.02 -21.35 14.22
CA TYR B 446 -12.14 -22.35 14.77
C TYR B 446 -11.48 -23.10 13.63
N ILE B 447 -10.27 -23.61 13.88
CA ILE B 447 -9.49 -24.24 12.85
C ILE B 447 -9.02 -25.62 13.28
N LEU B 448 -9.44 -26.64 12.54
CA LEU B 448 -8.99 -28.00 12.78
C LEU B 448 -7.93 -28.30 11.73
N PRO B 449 -6.68 -28.45 12.15
CA PRO B 449 -5.67 -28.80 11.16
C PRO B 449 -5.79 -30.25 10.74
N GLY B 450 -5.75 -30.48 9.43
CA GLY B 450 -5.98 -31.82 8.86
C GLY B 450 -6.43 -31.73 7.43
N CYS B 451 -7.01 -32.82 6.92
CA CYS B 451 -7.52 -32.83 5.55
C CYS B 451 -8.92 -33.37 5.49
N ALA B 452 -9.77 -32.72 4.69
CA ALA B 452 -11.15 -33.12 4.55
C ALA B 452 -11.30 -34.49 3.88
N LEU B 453 -10.32 -34.88 3.09
CA LEU B 453 -10.35 -36.20 2.45
C LEU B 453 -10.29 -37.32 3.49
N TYR B 454 -9.68 -37.03 4.63
CA TYR B 454 -9.65 -37.95 5.74
C TYR B 454 -10.97 -37.89 6.51
N SER B 455 -11.72 -38.99 6.51
CA SER B 455 -13.00 -39.03 7.20
C SER B 455 -12.81 -39.01 8.71
N GLY B 456 -11.65 -39.40 9.19
CA GLY B 456 -11.31 -39.28 10.61
C GLY B 456 -11.29 -37.82 11.07
N ASP B 457 -10.73 -36.95 10.25
CA ASP B 457 -10.70 -35.53 10.56
C ASP B 457 -12.05 -34.85 10.35
N LEU B 458 -12.92 -35.43 9.52
CA LEU B 458 -14.28 -34.93 9.37
C LEU B 458 -15.07 -35.22 10.65
N HIS B 459 -14.89 -36.41 11.20
CA HIS B 459 -15.57 -36.79 12.43
C HIS B 459 -15.04 -36.03 13.61
N ALA B 460 -13.76 -35.69 13.57
CA ALA B 460 -13.20 -34.84 14.61
C ALA B 460 -13.90 -33.50 14.64
N ALA B 461 -14.33 -33.02 13.47
CA ALA B 461 -15.07 -31.76 13.37
C ALA B 461 -16.58 -31.92 13.49
N ASN B 462 -17.01 -33.06 14.05
CA ASN B 462 -18.43 -33.32 14.31
C ASN B 462 -19.29 -33.07 13.08
N ILE B 463 -18.81 -33.51 11.93
CA ILE B 463 -19.47 -33.24 10.66
C ILE B 463 -20.87 -33.84 10.57
N GLU B 464 -21.14 -34.82 11.43
CA GLU B 464 -22.45 -35.48 11.50
C GLU B 464 -23.52 -34.54 12.06
N GLN B 465 -23.16 -33.75 13.08
CA GLN B 465 -24.10 -32.81 13.69
C GLN B 465 -23.89 -31.37 13.20
N CYS B 466 -23.45 -31.21 11.97
CA CYS B 466 -23.27 -29.86 11.42
C CYS B 466 -24.56 -29.42 10.74
N SER B 467 -24.56 -28.20 10.21
CA SER B 467 -25.70 -27.67 9.48
C SER B 467 -25.43 -27.57 7.98
N MET B 468 -24.18 -27.33 7.62
CA MET B 468 -23.78 -27.33 6.22
C MET B 468 -22.28 -27.48 6.09
N CYS B 469 -21.89 -28.27 5.11
CA CYS B 469 -20.48 -28.47 4.82
C CYS B 469 -20.11 -27.89 3.45
N ALA B 470 -19.25 -26.89 3.46
CA ALA B 470 -18.82 -26.23 2.24
C ALA B 470 -17.47 -26.78 1.83
N VAL B 471 -17.40 -27.26 0.59
CA VAL B 471 -16.17 -27.82 0.04
C VAL B 471 -15.56 -26.81 -0.91
N LEU B 472 -14.62 -26.03 -0.41
CA LEU B 472 -14.10 -24.90 -1.15
C LEU B 472 -12.93 -25.30 -2.04
N SER B 473 -13.11 -25.15 -3.36
CA SER B 473 -12.01 -25.37 -4.31
C SER B 473 -10.86 -24.43 -3.98
N PRO B 474 -9.62 -24.91 -4.15
CA PRO B 474 -8.45 -24.06 -3.99
C PRO B 474 -8.24 -23.20 -5.22
N PRO B 475 -7.51 -22.09 -5.08
CA PRO B 475 -7.30 -21.18 -6.22
C PRO B 475 -6.33 -21.79 -7.23
N PRO B 476 -6.30 -21.25 -8.46
CA PRO B 476 -5.61 -21.92 -9.57
C PRO B 476 -4.08 -21.83 -9.52
N GLN B 477 -3.43 -22.82 -10.13
CA GLN B 477 -1.97 -22.92 -10.21
C GLN B 477 -1.66 -23.29 -11.66
N PRO B 478 -0.37 -23.44 -12.04
CA PRO B 478 -0.04 -23.86 -13.42
C PRO B 478 -1.00 -24.88 -14.07
N LEU B 484 -6.83 -32.57 -14.10
CA LEU B 484 -6.90 -32.77 -12.65
C LEU B 484 -7.34 -31.49 -11.94
N VAL B 485 -8.50 -30.95 -12.33
CA VAL B 485 -8.89 -29.59 -11.94
C VAL B 485 -9.79 -29.50 -10.70
N ASP B 486 -10.77 -30.39 -10.61
CA ASP B 486 -11.69 -30.39 -9.48
C ASP B 486 -11.59 -31.67 -8.68
N THR B 487 -10.52 -32.43 -8.87
CA THR B 487 -10.40 -33.74 -8.26
C THR B 487 -10.60 -33.64 -6.76
N GLU B 488 -9.90 -32.72 -6.12
CA GLU B 488 -10.00 -32.58 -4.68
C GLU B 488 -11.44 -32.35 -4.24
N ALA B 489 -12.09 -31.37 -4.85
CA ALA B 489 -13.49 -31.11 -4.54
C ALA B 489 -14.35 -32.36 -4.73
N ILE B 490 -14.05 -33.15 -5.76
CA ILE B 490 -14.83 -34.36 -6.03
C ILE B 490 -14.55 -35.46 -5.02
N MET B 491 -13.30 -35.57 -4.58
CA MET B 491 -12.92 -36.60 -3.64
C MET B 491 -13.49 -36.32 -2.26
N ALA B 492 -13.54 -35.04 -1.89
CA ALA B 492 -14.16 -34.67 -0.65
C ALA B 492 -15.62 -35.07 -0.69
N THR B 493 -16.32 -34.60 -1.71
CA THR B 493 -17.73 -34.92 -1.86
C THR B 493 -17.98 -36.43 -1.84
N LEU B 494 -16.99 -37.21 -2.25
CA LEU B 494 -17.10 -38.66 -2.20
C LEU B 494 -17.10 -39.15 -0.76
N THR B 495 -16.07 -38.79 0.00
CA THR B 495 -15.95 -39.28 1.37
C THR B 495 -17.05 -38.72 2.27
N ILE B 496 -17.42 -37.46 2.09
CA ILE B 496 -18.47 -36.86 2.89
C ILE B 496 -19.80 -37.56 2.62
N GLY B 497 -20.16 -37.61 1.35
CA GLY B 497 -21.45 -38.17 0.90
C GLY B 497 -21.63 -39.62 1.28
N SER B 498 -20.54 -40.36 1.37
CA SER B 498 -20.59 -41.72 1.87
C SER B 498 -20.01 -41.79 3.29
N LEU B 499 -20.85 -41.52 4.28
CA LEU B 499 -20.43 -41.57 5.68
C LEU B 499 -21.34 -42.45 6.51
N GLN B 500 -20.73 -43.20 7.44
CA GLN B 500 -21.47 -43.93 8.46
C GLN B 500 -21.99 -42.93 9.51
N ILE B 501 -23.22 -42.47 9.28
CA ILE B 501 -23.85 -41.43 10.09
C ILE B 501 -25.37 -41.63 10.11
N LYS B 509 -27.93 -38.49 4.98
CA LYS B 509 -26.89 -37.82 4.20
C LYS B 509 -26.53 -36.48 4.81
N VAL B 510 -25.23 -36.17 4.88
CA VAL B 510 -24.75 -34.89 5.43
C VAL B 510 -25.08 -33.74 4.47
N PRO B 511 -25.52 -32.59 5.00
CA PRO B 511 -25.73 -31.44 4.12
C PRO B 511 -24.40 -30.95 3.52
N ILE B 512 -24.41 -30.66 2.22
CA ILE B 512 -23.16 -30.43 1.50
C ILE B 512 -23.33 -29.43 0.37
N LEU B 513 -22.27 -28.67 0.11
CA LEU B 513 -22.27 -27.69 -0.97
C LEU B 513 -20.89 -27.63 -1.59
N THR B 514 -20.74 -28.25 -2.75
CA THR B 514 -19.46 -28.40 -3.37
C THR B 514 -19.25 -27.31 -4.41
N GLU B 515 -18.10 -26.65 -4.37
CA GLU B 515 -17.75 -25.71 -5.41
C GLU B 515 -17.00 -26.37 -6.54
N LEU B 516 -17.42 -26.11 -7.78
CA LEU B 516 -16.68 -26.57 -8.95
C LEU B 516 -16.12 -25.38 -9.69
N LYS B 517 -14.83 -25.39 -9.96
CA LYS B 517 -14.21 -24.38 -10.81
C LYS B 517 -14.61 -24.59 -12.28
N ASN B 518 -14.77 -25.84 -12.69
CA ASN B 518 -15.19 -26.17 -14.06
C ASN B 518 -16.49 -26.93 -14.01
N PRO B 519 -17.60 -26.30 -14.44
CA PRO B 519 -18.95 -26.85 -14.27
C PRO B 519 -19.22 -28.12 -15.05
N SER B 520 -18.48 -28.37 -16.12
CA SER B 520 -18.65 -29.61 -16.88
C SER B 520 -18.42 -30.84 -16.01
N ASN B 521 -17.63 -30.69 -14.95
CA ASN B 521 -17.40 -31.76 -13.97
C ASN B 521 -18.62 -32.13 -13.12
N ILE B 522 -19.76 -31.52 -13.39
CA ILE B 522 -20.99 -31.89 -12.69
C ILE B 522 -21.29 -33.39 -12.81
N HIS B 523 -21.05 -33.95 -13.99
CA HIS B 523 -21.45 -35.32 -14.28
C HIS B 523 -20.74 -36.32 -13.43
N PHE B 524 -19.62 -35.91 -12.85
CA PHE B 524 -18.93 -36.74 -11.89
C PHE B 524 -19.67 -36.78 -10.57
N ILE B 525 -20.11 -35.62 -10.10
CA ILE B 525 -20.81 -35.56 -8.82
C ILE B 525 -22.12 -36.33 -8.86
N GLU B 526 -22.89 -36.14 -9.92
CA GLU B 526 -24.14 -36.88 -10.11
C GLU B 526 -23.87 -38.38 -10.17
N GLN B 527 -22.73 -38.75 -10.75
CA GLN B 527 -22.34 -40.16 -10.83
C GLN B 527 -22.20 -40.77 -9.44
N LEU B 528 -21.57 -40.03 -8.55
CA LEU B 528 -21.42 -40.45 -7.16
C LEU B 528 -22.77 -40.60 -6.46
N GLY B 529 -23.68 -39.68 -6.75
CA GLY B 529 -25.06 -39.77 -6.25
C GLY B 529 -25.66 -41.13 -6.55
N GLY B 530 -25.70 -41.49 -7.83
CA GLY B 530 -26.21 -42.79 -8.24
C GLY B 530 -26.83 -42.86 -9.63
N LEU B 531 -27.33 -41.73 -10.13
CA LEU B 531 -28.03 -41.72 -11.41
C LEU B 531 -27.07 -42.02 -12.56
N GLU B 532 -27.51 -42.90 -13.47
CA GLU B 532 -26.66 -43.43 -14.53
C GLU B 532 -26.37 -42.44 -15.66
N GLY B 533 -25.44 -42.82 -16.54
CA GLY B 533 -24.88 -41.93 -17.57
C GLY B 533 -25.83 -41.19 -18.47
N SER B 534 -26.90 -41.87 -18.90
CA SER B 534 -27.93 -41.24 -19.75
C SER B 534 -28.66 -40.11 -19.01
N LEU B 535 -29.02 -40.37 -17.76
CA LEU B 535 -29.67 -39.38 -16.90
C LEU B 535 -28.71 -38.28 -16.40
N GLN B 536 -27.41 -38.49 -16.55
CA GLN B 536 -26.40 -37.48 -16.20
C GLN B 536 -26.42 -36.32 -17.19
N GLU B 537 -26.19 -35.11 -16.68
CA GLU B 537 -26.16 -33.89 -17.53
C GLU B 537 -24.75 -33.32 -17.68
N THR B 538 -24.39 -33.04 -18.94
CA THR B 538 -23.15 -32.34 -19.28
C THR B 538 -23.18 -30.86 -18.84
N ASN B 539 -24.39 -30.31 -18.68
CA ASN B 539 -24.59 -28.91 -18.33
C ASN B 539 -25.05 -28.72 -16.89
N LEU B 540 -24.26 -28.01 -16.10
CA LEU B 540 -24.52 -27.86 -14.66
C LEU B 540 -25.89 -27.28 -14.34
N HIS B 541 -26.32 -26.32 -15.15
CA HIS B 541 -27.53 -25.58 -14.84
C HIS B 541 -28.77 -26.39 -15.08
N LEU B 542 -28.70 -27.36 -15.99
CA LEU B 542 -29.80 -28.27 -16.21
C LEU B 542 -29.85 -29.36 -15.12
N SER B 543 -28.74 -29.53 -14.40
CA SER B 543 -28.59 -30.62 -13.45
C SER B 543 -29.56 -30.51 -12.30
N THR B 544 -29.91 -31.66 -11.76
CA THR B 544 -30.79 -31.74 -10.63
C THR B 544 -30.04 -31.33 -9.35
N ALA B 545 -28.72 -31.50 -9.36
CA ALA B 545 -27.89 -31.16 -8.20
C ALA B 545 -27.80 -29.65 -8.01
N PHE B 546 -27.88 -28.92 -9.11
CA PHE B 546 -27.84 -27.48 -9.07
C PHE B 546 -29.16 -26.91 -8.60
N SER B 547 -30.26 -27.51 -9.05
CA SER B 547 -31.59 -27.03 -8.68
C SER B 547 -31.87 -27.27 -7.21
N THR B 548 -31.33 -28.35 -6.66
CA THR B 548 -31.40 -28.55 -5.22
C THR B 548 -30.45 -27.60 -4.51
N GLY B 549 -29.28 -27.38 -5.10
CA GLY B 549 -28.28 -26.48 -4.51
C GLY B 549 -27.22 -27.20 -3.70
N THR B 550 -26.78 -28.35 -4.19
CA THR B 550 -25.67 -29.06 -3.57
C THR B 550 -24.36 -28.81 -4.28
N VAL B 551 -24.40 -28.08 -5.40
CA VAL B 551 -23.19 -27.61 -6.08
C VAL B 551 -23.25 -26.12 -6.40
N PHE B 552 -22.09 -25.52 -6.61
CA PHE B 552 -22.01 -24.15 -7.10
C PHE B 552 -20.83 -24.01 -8.04
N SER B 553 -20.92 -23.10 -9.01
CA SER B 553 -19.82 -22.84 -9.94
C SER B 553 -19.78 -21.41 -10.41
N GLY B 554 -18.73 -20.69 -10.07
CA GLY B 554 -18.62 -19.28 -10.42
C GLY B 554 -18.33 -18.95 -11.88
N SER B 555 -18.22 -19.97 -12.73
CA SER B 555 -17.97 -19.77 -14.15
C SER B 555 -18.77 -18.61 -14.74
N PHE B 556 -20.03 -18.48 -14.31
CA PHE B 556 -20.93 -17.46 -14.87
C PHE B 556 -20.49 -16.02 -14.54
N LEU B 557 -19.70 -15.83 -13.50
CA LEU B 557 -19.26 -14.49 -13.13
C LEU B 557 -18.17 -13.95 -14.08
N ASP B 558 -17.77 -14.71 -15.08
CA ASP B 558 -16.75 -14.25 -16.02
C ASP B 558 -17.29 -13.08 -16.84
N SER B 559 -18.56 -13.17 -17.25
CA SER B 559 -19.20 -12.07 -17.99
C SER B 559 -19.28 -10.76 -17.20
N LEU B 560 -19.25 -10.88 -15.87
CA LEU B 560 -19.43 -9.76 -14.92
C LEU B 560 -18.73 -8.42 -15.23
N LEU B 561 -17.53 -8.46 -15.81
CA LEU B 561 -16.82 -7.22 -16.16
C LEU B 561 -17.60 -6.40 -17.20
N ALA B 562 -18.20 -7.08 -18.16
CA ALA B 562 -19.07 -6.42 -19.14
C ALA B 562 -20.38 -5.92 -18.49
N THR B 563 -20.92 -6.71 -17.56
CA THR B 563 -22.16 -6.37 -16.88
C THR B 563 -21.99 -5.09 -16.06
N ALA B 564 -20.90 -5.02 -15.31
CA ALA B 564 -20.58 -3.85 -14.49
C ALA B 564 -20.30 -2.62 -15.34
N PHE B 565 -20.03 -2.81 -16.63
CA PHE B 565 -19.90 -1.69 -17.55
C PHE B 565 -21.29 -1.21 -17.95
N TYR B 566 -22.07 -2.13 -18.51
CA TYR B 566 -23.33 -1.76 -19.17
C TYR B 566 -24.37 -1.33 -18.17
N ASN B 567 -24.46 -2.04 -17.06
CA ASN B 567 -25.29 -1.58 -15.94
C ASN B 567 -24.67 -1.95 -14.60
N TYR B 568 -24.04 -0.98 -13.97
CA TYR B 568 -23.31 -1.26 -12.75
C TYR B 568 -24.21 -1.41 -11.54
N HIS B 569 -25.43 -0.90 -11.64
CA HIS B 569 -26.38 -1.01 -10.54
C HIS B 569 -26.73 -2.45 -10.26
N VAL B 570 -26.74 -3.27 -11.30
CA VAL B 570 -26.97 -4.70 -11.13
C VAL B 570 -25.90 -5.29 -10.22
N LEU B 571 -24.64 -4.90 -10.47
CA LEU B 571 -23.53 -5.35 -9.62
C LEU B 571 -23.74 -4.86 -8.21
N GLU B 572 -24.10 -3.60 -8.05
CA GLU B 572 -24.33 -3.03 -6.72
C GLU B 572 -25.25 -3.92 -5.90
N LEU B 573 -26.40 -4.25 -6.48
CA LEU B 573 -27.39 -5.09 -5.82
C LEU B 573 -26.82 -6.47 -5.52
N LEU B 574 -26.32 -7.11 -6.56
CA LEU B 574 -25.69 -8.41 -6.42
C LEU B 574 -24.70 -8.38 -5.27
N GLN B 575 -23.87 -7.34 -5.23
CA GLN B 575 -22.84 -7.28 -4.22
C GLN B 575 -23.44 -7.41 -2.84
N MET B 576 -24.51 -6.68 -2.56
CA MET B 576 -25.03 -6.63 -1.20
C MET B 576 -25.86 -7.87 -0.84
N LEU B 577 -26.53 -8.46 -1.80
CA LEU B 577 -27.27 -9.70 -1.56
C LEU B 577 -26.29 -10.81 -1.18
N VAL B 578 -25.26 -10.94 -2.00
CA VAL B 578 -24.24 -11.94 -1.80
C VAL B 578 -23.35 -11.64 -0.58
N THR B 579 -22.80 -10.43 -0.47
CA THR B 579 -21.85 -10.09 0.61
C THR B 579 -22.46 -9.51 1.88
N GLY B 580 -23.72 -9.07 1.80
CA GLY B 580 -24.40 -8.48 2.95
C GLY B 580 -23.97 -7.06 3.33
N GLY B 581 -23.44 -6.30 2.37
CA GLY B 581 -23.05 -4.92 2.64
C GLY B 581 -22.11 -4.31 1.61
N VAL B 582 -22.14 -2.97 1.50
CA VAL B 582 -21.21 -2.21 0.65
C VAL B 582 -20.85 -0.89 1.34
N SER B 607 -30.82 1.09 9.17
CA SER B 607 -29.69 1.71 8.49
C SER B 607 -28.48 0.76 8.44
N GLY B 608 -27.81 0.56 9.58
CA GLY B 608 -26.64 -0.32 9.65
C GLY B 608 -27.03 -1.72 10.07
N ARG B 609 -27.30 -1.88 11.37
CA ARG B 609 -27.70 -3.18 11.94
C ARG B 609 -29.12 -3.57 11.53
N ASN B 610 -29.91 -2.59 11.13
CA ASN B 610 -31.30 -2.81 10.79
C ASN B 610 -31.49 -2.96 9.28
N ARG B 611 -31.56 -4.21 8.83
CA ARG B 611 -31.75 -4.50 7.42
C ARG B 611 -32.39 -5.88 7.26
N CYS B 612 -33.04 -6.08 6.11
CA CYS B 612 -33.68 -7.36 5.83
C CYS B 612 -32.67 -8.43 5.46
N LYS B 613 -32.80 -9.60 6.10
CA LYS B 613 -32.09 -10.80 5.65
C LYS B 613 -32.82 -11.33 4.43
N LEU B 614 -32.25 -12.32 3.77
CA LEU B 614 -33.02 -13.23 2.93
C LEU B 614 -33.13 -14.52 3.72
N GLY B 615 -34.34 -15.07 3.83
CA GLY B 615 -34.56 -16.24 4.67
C GLY B 615 -35.58 -17.19 4.11
N LEU B 616 -35.55 -18.42 4.59
CA LEU B 616 -36.47 -19.46 4.16
C LEU B 616 -37.46 -19.74 5.28
N LEU B 617 -38.75 -19.69 4.96
CA LEU B 617 -39.82 -19.82 5.96
C LEU B 617 -40.79 -20.98 5.66
N SER B 618 -41.31 -21.59 6.73
CA SER B 618 -41.93 -22.92 6.64
C SER B 618 -43.39 -23.01 6.20
N LEU B 619 -44.19 -21.96 6.44
CA LEU B 619 -45.65 -22.03 6.25
C LEU B 619 -46.40 -22.90 7.27
N HIS B 620 -45.66 -23.61 8.13
CA HIS B 620 -46.24 -24.47 9.16
C HIS B 620 -45.53 -24.17 10.44
N GLU B 621 -46.28 -23.74 11.45
CA GLU B 621 -45.72 -23.22 12.70
C GLU B 621 -44.73 -22.07 12.39
N THR B 622 -45.15 -21.16 11.51
CA THR B 622 -44.44 -19.90 11.27
C THR B 622 -45.49 -18.80 11.16
N ILE B 623 -45.05 -17.55 11.19
CA ILE B 623 -46.00 -16.42 11.15
C ILE B 623 -46.83 -16.38 9.87
N LEU B 624 -46.28 -16.85 8.76
CA LEU B 624 -46.99 -16.89 7.50
C LEU B 624 -48.29 -17.73 7.58
N SER B 625 -48.31 -18.75 8.44
CA SER B 625 -49.51 -19.56 8.62
C SER B 625 -50.60 -18.80 9.37
N ASN B 631 -53.22 -19.65 -0.49
CA ASN B 631 -53.61 -20.63 -1.50
C ASN B 631 -52.74 -20.49 -2.73
N THR B 632 -52.49 -19.25 -3.12
CA THR B 632 -51.71 -18.94 -4.32
C THR B 632 -50.56 -17.97 -4.01
N PHE B 633 -49.42 -18.15 -4.69
CA PHE B 633 -48.22 -17.35 -4.41
C PHE B 633 -48.53 -15.86 -4.27
N GLY B 634 -49.25 -15.32 -5.25
CA GLY B 634 -49.65 -13.92 -5.23
C GLY B 634 -50.48 -13.58 -4.01
N GLN B 635 -51.39 -14.48 -3.63
CA GLN B 635 -52.15 -14.30 -2.41
C GLN B 635 -51.20 -14.24 -1.20
N LEU B 636 -50.26 -15.18 -1.13
CA LEU B 636 -49.29 -15.24 -0.02
C LEU B 636 -48.40 -14.00 0.01
N PHE B 637 -47.89 -13.64 -1.17
CA PHE B 637 -47.04 -12.48 -1.33
C PHE B 637 -47.65 -11.20 -0.73
N CYS B 638 -48.93 -10.99 -0.99
CA CYS B 638 -49.58 -9.74 -0.62
C CYS B 638 -49.82 -9.61 0.89
N GLY B 639 -50.42 -10.63 1.46
CA GLY B 639 -50.73 -10.64 2.89
C GLY B 639 -49.46 -10.44 3.69
N SER B 640 -48.51 -11.35 3.51
CA SER B 640 -47.23 -11.32 4.19
C SER B 640 -46.60 -9.93 4.18
N LEU B 641 -46.61 -9.29 3.01
CA LEU B 641 -46.07 -7.95 2.87
C LEU B 641 -46.88 -6.94 3.69
N ASP B 642 -48.15 -6.76 3.34
CA ASP B 642 -48.98 -5.71 3.96
C ASP B 642 -49.42 -6.01 5.41
N LEU B 643 -48.97 -7.14 5.96
CA LEU B 643 -49.17 -7.46 7.38
C LEU B 643 -47.85 -7.39 8.16
N PHE B 644 -46.80 -8.03 7.66
CA PHE B 644 -45.54 -8.16 8.39
C PHE B 644 -44.35 -7.50 7.72
N GLY B 645 -44.56 -6.91 6.55
CA GLY B 645 -43.46 -6.31 5.79
C GLY B 645 -42.45 -7.34 5.34
N ILE B 646 -42.94 -8.53 5.00
CA ILE B 646 -42.09 -9.60 4.50
C ILE B 646 -42.28 -9.75 3.01
N LEU B 647 -41.20 -9.58 2.26
CA LEU B 647 -41.27 -9.56 0.81
C LEU B 647 -40.94 -10.93 0.24
N CYS B 648 -41.98 -11.73 -0.01
CA CYS B 648 -41.81 -13.08 -0.53
C CYS B 648 -41.36 -13.06 -1.98
N VAL B 649 -40.28 -13.79 -2.25
CA VAL B 649 -39.55 -13.66 -3.51
C VAL B 649 -39.36 -14.98 -4.27
N GLY B 650 -39.47 -16.11 -3.58
CA GLY B 650 -39.39 -17.41 -4.23
C GLY B 650 -39.78 -18.54 -3.31
N LEU B 651 -39.98 -19.73 -3.90
CA LEU B 651 -40.35 -20.92 -3.14
C LEU B 651 -39.22 -21.93 -3.13
N TYR B 652 -39.36 -22.93 -2.27
CA TYR B 652 -38.47 -24.07 -2.21
C TYR B 652 -39.32 -25.32 -2.08
N ARG B 653 -39.62 -25.94 -3.21
CA ARG B 653 -40.66 -26.97 -3.29
C ARG B 653 -40.04 -28.36 -3.23
N ILE B 654 -40.71 -29.27 -2.54
CA ILE B 654 -40.27 -30.65 -2.51
C ILE B 654 -40.38 -31.22 -3.93
N ILE B 655 -39.49 -32.13 -4.28
CA ILE B 655 -39.63 -32.83 -5.54
C ILE B 655 -40.53 -34.04 -5.26
N ASP B 656 -41.67 -34.08 -5.92
CA ASP B 656 -42.65 -35.16 -5.70
C ASP B 656 -42.88 -35.88 -7.01
N GLU B 657 -42.33 -37.09 -7.13
CA GLU B 657 -42.46 -37.92 -8.34
C GLU B 657 -42.32 -39.39 -7.95
N GLU B 663 -36.48 -39.13 0.09
CA GLU B 663 -35.36 -38.38 0.68
C GLU B 663 -35.63 -36.87 0.96
N ASN B 664 -36.75 -36.35 0.52
CA ASN B 664 -37.19 -34.96 0.83
C ASN B 664 -36.26 -33.84 0.34
N LYS B 665 -35.58 -34.07 -0.78
CA LYS B 665 -34.81 -33.03 -1.45
C LYS B 665 -35.77 -32.05 -2.16
N ARG B 666 -35.50 -30.75 -2.02
CA ARG B 666 -36.35 -29.69 -2.58
C ARG B 666 -35.61 -28.92 -3.66
N PHE B 667 -36.36 -28.24 -4.52
CA PHE B 667 -35.77 -27.44 -5.58
C PHE B 667 -36.23 -25.99 -5.54
N VAL B 668 -35.42 -25.10 -6.11
CA VAL B 668 -35.63 -23.64 -6.02
C VAL B 668 -36.45 -23.04 -7.16
N ILE B 669 -37.58 -22.43 -6.81
CA ILE B 669 -38.42 -21.71 -7.76
C ILE B 669 -38.37 -20.21 -7.53
N THR B 670 -37.66 -19.50 -8.40
CA THR B 670 -37.57 -18.04 -8.34
C THR B 670 -38.82 -17.39 -8.94
N ARG B 671 -39.42 -16.45 -8.19
CA ARG B 671 -40.54 -15.63 -8.68
C ARG B 671 -41.56 -16.42 -9.52
N PRO B 672 -42.38 -17.24 -8.85
CA PRO B 672 -43.40 -17.97 -9.61
C PRO B 672 -44.48 -17.03 -10.13
N ALA B 673 -45.36 -17.54 -10.99
CA ALA B 673 -46.50 -16.74 -11.46
C ALA B 673 -47.29 -16.23 -10.27
N ASN B 674 -48.00 -15.12 -10.48
CA ASN B 674 -48.80 -14.55 -9.39
C ASN B 674 -49.78 -15.59 -8.87
N GLU B 675 -50.48 -16.24 -9.79
CA GLU B 675 -51.44 -17.30 -9.45
C GLU B 675 -50.78 -18.68 -9.58
N PHE B 676 -49.95 -19.03 -8.59
CA PHE B 676 -49.21 -20.27 -8.63
C PHE B 676 -49.64 -21.15 -7.46
N LYS B 677 -50.28 -22.27 -7.76
CA LYS B 677 -50.79 -23.14 -6.72
C LYS B 677 -49.66 -23.52 -5.78
N LEU B 678 -49.83 -23.21 -4.49
CA LEU B 678 -48.84 -23.51 -3.46
C LEU B 678 -49.22 -24.79 -2.70
N LEU B 679 -48.21 -25.56 -2.31
CA LEU B 679 -48.41 -26.71 -1.43
C LEU B 679 -48.20 -26.30 0.03
N PRO B 680 -48.73 -27.10 0.98
CA PRO B 680 -48.46 -26.86 2.40
C PRO B 680 -47.00 -27.15 2.75
N SER B 681 -46.42 -28.14 2.09
CA SER B 681 -45.03 -28.55 2.31
C SER B 681 -44.01 -27.48 1.90
N ASP B 682 -44.38 -26.59 0.99
CA ASP B 682 -43.45 -25.59 0.46
C ASP B 682 -42.84 -24.72 1.55
N LEU B 683 -41.59 -24.33 1.33
CA LEU B 683 -40.93 -23.31 2.13
C LEU B 683 -40.77 -22.10 1.19
N VAL B 684 -40.49 -20.94 1.76
CA VAL B 684 -40.53 -19.70 0.98
C VAL B 684 -39.34 -18.78 1.23
N PHE B 685 -38.65 -18.43 0.15
CA PHE B 685 -37.60 -17.42 0.18
C PHE B 685 -38.25 -16.06 0.27
N CYS B 686 -37.67 -15.19 1.09
CA CYS B 686 -38.28 -13.92 1.41
C CYS B 686 -37.35 -13.01 2.20
N ALA B 687 -37.59 -11.71 2.09
CA ALA B 687 -36.80 -10.69 2.77
C ALA B 687 -37.36 -10.38 4.14
N ILE B 688 -36.81 -11.03 5.17
CA ILE B 688 -37.28 -10.84 6.54
C ILE B 688 -36.61 -9.64 7.16
N PRO B 689 -37.41 -8.62 7.54
CA PRO B 689 -36.82 -7.46 8.20
C PRO B 689 -36.31 -7.78 9.60
N PHE B 690 -35.32 -7.02 10.05
CA PHE B 690 -34.56 -7.31 11.26
C PHE B 690 -35.45 -7.26 12.51
N SER B 691 -35.31 -8.27 13.37
CA SER B 691 -35.98 -8.34 14.68
C SER B 691 -37.43 -8.82 14.61
N THR B 692 -37.78 -9.50 13.52
CA THR B 692 -39.14 -10.06 13.36
C THR B 692 -39.31 -11.34 14.18
N ALA B 693 -40.46 -11.47 14.83
CA ALA B 693 -40.75 -12.60 15.72
C ALA B 693 -40.73 -13.96 15.00
N CYS B 694 -41.42 -14.03 13.87
CA CYS B 694 -41.50 -15.26 13.05
C CYS B 694 -42.21 -16.43 13.74
#